data_5U6B
#
_entry.id   5U6B
#
_cell.length_a   81.680
_cell.length_b   100.704
_cell.length_c   81.921
_cell.angle_alpha   90.00
_cell.angle_beta   93.97
_cell.angle_gamma   90.00
#
_symmetry.space_group_name_H-M   'P 1 21 1'
#
loop_
_entity.id
_entity.type
_entity.pdbx_description
1 polymer 'Tyrosine-protein kinase receptor UFO'
2 non-polymer (10R)-7-amino-11-chloro-12-fluoro-1-(2-hydroxyethyl)-3,10,16-trimethyl-16,17-dihydro-1H-8,4-(azeno)pyrazolo[4,3-h][2,5,11]benzoxadiazacyclotetradecin-15(10H)-one
#
_entity_poly.entity_id   1
_entity_poly.type   'polypeptide(L)'
_entity_poly.pdbx_seq_one_letter_code
;GSNSLGISEELKEKLRDVMVDRHKVALGKTLGEGEFGAVMEGQLNQDDSILKVAVKTMKIAICTRSELEDFLSEAVCMKE
FDHPNVMRLIGVCFQGSERESFPAPVVILPFMKHGDLHSFLLYSRLGDQPVYLPTQMLVKFMADIASGMEYLSTKRFIHR
DLAARNCMLNENMSVCVADFGLSKKIYNGDYYRQGRIAKMPVKWIAIESLADRVYTSKSDVWSFGVTMWEIATRGQTPYP
GVENSEIYDYLRQGNRLKQPADCLDGLYALMSRCWELNPQDRPSFTELREDLENTLKALPPAQEPDE
;
_entity_poly.pdbx_strand_id   A,B,C,D
#
# COMPACT_ATOMS: atom_id res chain seq x y z
N GLU A 10 -5.87 -3.00 27.74
CA GLU A 10 -6.31 -3.15 26.36
C GLU A 10 -6.32 -1.81 25.59
N LEU A 11 -6.95 -0.77 26.19
CA LEU A 11 -7.12 0.57 25.60
C LEU A 11 -5.98 1.56 25.97
N LYS A 12 -5.72 1.72 27.29
CA LYS A 12 -4.75 2.62 27.90
C LYS A 12 -3.31 2.08 27.98
N GLU A 13 -2.97 1.04 27.18
CA GLU A 13 -1.62 0.47 27.15
C GLU A 13 -0.65 1.49 26.55
N LYS A 14 -1.19 2.47 25.80
CA LYS A 14 -0.50 3.57 25.13
C LYS A 14 -0.20 4.70 26.11
N LEU A 15 -1.08 4.88 27.12
CA LEU A 15 -0.95 5.86 28.20
C LEU A 15 0.19 5.45 29.12
N ARG A 16 0.40 4.14 29.27
CA ARG A 16 1.45 3.52 30.06
C ARG A 16 2.82 3.98 29.53
N ASP A 17 2.99 3.99 28.18
CA ASP A 17 4.22 4.37 27.46
C ASP A 17 4.49 5.86 27.42
N VAL A 18 3.46 6.64 27.09
CA VAL A 18 3.63 8.06 26.91
C VAL A 18 3.86 8.82 28.23
N MET A 19 3.36 8.28 29.35
CA MET A 19 3.51 8.93 30.64
C MET A 19 4.90 8.81 31.21
N VAL A 20 5.34 9.89 31.88
CA VAL A 20 6.66 10.02 32.51
C VAL A 20 6.45 10.48 33.96
N ASP A 21 7.14 9.78 34.89
CA ASP A 21 7.06 10.05 36.32
C ASP A 21 7.84 11.32 36.65
N ARG A 22 7.15 12.33 37.20
CA ARG A 22 7.68 13.63 37.60
C ARG A 22 8.85 13.51 38.63
N HIS A 23 8.90 12.38 39.40
CA HIS A 23 9.97 12.09 40.39
C HIS A 23 11.22 11.43 39.77
N LYS A 24 11.24 11.27 38.43
CA LYS A 24 12.37 10.72 37.66
C LYS A 24 13.00 11.83 36.78
N VAL A 25 12.36 13.02 36.79
CA VAL A 25 12.76 14.20 36.03
C VAL A 25 13.41 15.21 36.97
N ALA A 26 14.64 15.64 36.64
CA ALA A 26 15.41 16.64 37.40
C ALA A 26 15.75 17.84 36.53
N LEU A 27 15.21 19.02 36.88
CA LEU A 27 15.40 20.27 36.14
C LEU A 27 16.76 20.92 36.45
N GLY A 28 17.38 21.46 35.43
CA GLY A 28 18.64 22.18 35.52
C GLY A 28 18.50 23.63 35.08
N LYS A 29 19.42 24.09 34.23
CA LYS A 29 19.46 25.45 33.67
C LYS A 29 18.36 25.70 32.63
N THR A 30 17.83 26.93 32.59
CA THR A 30 16.78 27.29 31.62
C THR A 30 17.39 27.58 30.25
N LEU A 31 16.82 26.97 29.20
CA LEU A 31 17.26 27.10 27.81
C LEU A 31 16.60 28.26 27.08
N GLY A 32 15.45 28.72 27.57
CA GLY A 32 14.72 29.82 26.97
C GLY A 32 13.30 30.00 27.48
N GLU A 33 12.75 31.20 27.26
CA GLU A 33 11.39 31.60 27.66
C GLU A 33 10.50 31.90 26.47
N GLY A 34 9.22 31.68 26.67
CA GLY A 34 8.19 31.93 25.68
C GLY A 34 6.94 32.55 26.25
N GLU A 35 5.88 32.53 25.44
CA GLU A 35 4.54 33.05 25.71
C GLU A 35 3.64 31.84 26.04
N PHE A 36 4.09 30.65 25.60
CA PHE A 36 3.40 29.38 25.76
C PHE A 36 4.01 28.51 26.87
N GLY A 37 5.18 28.89 27.39
CA GLY A 37 5.86 28.19 28.46
C GLY A 37 7.33 28.51 28.66
N ALA A 38 8.02 27.62 29.39
CA ALA A 38 9.45 27.68 29.72
C ALA A 38 10.09 26.33 29.40
N VAL A 39 11.36 26.35 28.94
CA VAL A 39 12.11 25.16 28.57
C VAL A 39 13.43 25.08 29.39
N MET A 40 13.71 23.91 30.01
CA MET A 40 14.92 23.67 30.79
C MET A 40 15.71 22.46 30.36
N GLU A 41 17.03 22.48 30.66
CA GLU A 41 17.94 21.34 30.45
C GLU A 41 17.59 20.40 31.58
N GLY A 42 17.46 19.11 31.27
CA GLY A 42 17.02 18.14 32.26
C GLY A 42 17.67 16.78 32.24
N GLN A 43 17.45 16.04 33.33
CA GLN A 43 17.96 14.69 33.56
C GLN A 43 16.78 13.76 33.84
N LEU A 44 16.63 12.72 33.01
CA LEU A 44 15.58 11.73 33.12
C LEU A 44 16.14 10.38 33.54
N ASN A 45 15.66 9.89 34.69
CA ASN A 45 16.01 8.63 35.32
C ASN A 45 15.35 7.53 34.49
N GLN A 46 16.02 7.04 33.45
CA GLN A 46 15.41 6.02 32.60
C GLN A 46 15.72 4.60 33.11
N ASP A 47 15.57 4.40 34.45
CA ASP A 47 15.72 3.16 35.21
C ASP A 47 16.95 2.35 34.77
N ASP A 48 18.10 2.60 35.47
CA ASP A 48 19.45 2.03 35.27
C ASP A 48 20.35 3.04 34.54
N SER A 49 19.72 3.90 33.74
CA SER A 49 20.41 4.91 32.95
C SER A 49 19.82 6.29 33.23
N ILE A 50 20.61 7.34 33.00
CA ILE A 50 20.18 8.72 33.08
C ILE A 50 20.31 9.32 31.71
N LEU A 51 19.27 10.01 31.30
CA LEU A 51 19.20 10.63 30.00
C LEU A 51 19.13 12.16 30.04
N LYS A 52 19.96 12.83 29.20
CA LYS A 52 19.97 14.28 29.09
C LYS A 52 18.80 14.63 28.17
N VAL A 53 17.83 15.39 28.71
CA VAL A 53 16.62 15.77 27.99
C VAL A 53 16.39 17.29 28.00
N ALA A 54 15.36 17.73 27.20
CA ALA A 54 14.79 19.07 27.11
C ALA A 54 13.39 18.93 27.73
N VAL A 55 13.04 19.83 28.64
CA VAL A 55 11.78 19.75 29.39
C VAL A 55 10.97 21.02 29.13
N LYS A 56 9.90 20.90 28.33
CA LYS A 56 9.00 22.02 28.04
C LYS A 56 7.76 21.87 28.88
N THR A 57 7.52 22.85 29.74
CA THR A 57 6.35 22.93 30.61
C THR A 57 5.50 24.02 29.97
N MET A 58 4.27 23.70 29.62
CA MET A 58 3.42 24.69 29.00
C MET A 58 2.74 25.58 30.05
N LYS A 59 2.96 26.92 29.95
CA LYS A 59 2.40 27.98 30.83
C LYS A 59 0.87 27.91 30.85
N ILE A 60 0.27 27.56 29.70
CA ILE A 60 -1.17 27.38 29.51
C ILE A 60 -1.61 26.02 30.06
N ALA A 61 -2.35 26.05 31.17
CA ALA A 61 -2.87 24.86 31.84
C ALA A 61 -4.15 24.33 31.16
N ILE A 62 -4.46 23.03 31.39
CA ILE A 62 -5.66 22.37 30.88
C ILE A 62 -6.86 22.81 31.73
N CYS A 63 -7.96 23.18 31.07
CA CYS A 63 -9.15 23.63 31.78
C CYS A 63 -10.36 22.68 31.63
N THR A 64 -10.35 21.76 30.63
CA THR A 64 -11.44 20.80 30.41
C THR A 64 -10.92 19.38 30.23
N ARG A 65 -11.80 18.37 30.39
CA ARG A 65 -11.49 16.94 30.21
C ARG A 65 -11.13 16.68 28.76
N SER A 66 -11.85 17.32 27.81
CA SER A 66 -11.62 17.22 26.36
C SER A 66 -10.25 17.79 25.96
N GLU A 67 -9.77 18.84 26.67
CA GLU A 67 -8.47 19.44 26.44
C GLU A 67 -7.35 18.48 26.90
N LEU A 68 -7.60 17.81 28.04
CA LEU A 68 -6.69 16.82 28.60
C LEU A 68 -6.69 15.55 27.73
N GLU A 69 -7.86 15.21 27.15
CA GLU A 69 -8.09 14.07 26.26
C GLU A 69 -7.31 14.26 24.96
N ASP A 70 -7.44 15.46 24.34
CA ASP A 70 -6.78 15.83 23.09
C ASP A 70 -5.27 15.86 23.19
N PHE A 71 -4.72 16.44 24.30
CA PHE A 71 -3.28 16.51 24.56
C PHE A 71 -2.66 15.11 24.62
N LEU A 72 -3.29 14.22 25.38
CA LEU A 72 -2.80 12.87 25.56
C LEU A 72 -2.88 12.04 24.26
N SER A 73 -3.92 12.28 23.41
CA SER A 73 -4.08 11.63 22.09
C SER A 73 -2.93 12.04 21.18
N GLU A 74 -2.69 13.38 21.03
CA GLU A 74 -1.61 13.96 20.22
C GLU A 74 -0.24 13.45 20.68
N ALA A 75 -0.03 13.41 22.01
CA ALA A 75 1.21 12.93 22.61
C ALA A 75 1.53 11.51 22.12
N VAL A 76 0.53 10.59 22.16
CA VAL A 76 0.66 9.20 21.68
C VAL A 76 1.01 9.17 20.17
N CYS A 77 0.46 10.12 19.39
CA CYS A 77 0.70 10.28 17.95
C CYS A 77 2.13 10.72 17.72
N MET A 78 2.62 11.66 18.52
CA MET A 78 3.99 12.16 18.44
C MET A 78 5.04 11.16 18.91
N LYS A 79 4.71 10.29 19.88
CA LYS A 79 5.65 9.28 20.35
C LYS A 79 5.77 8.15 19.32
N GLU A 80 4.76 8.05 18.43
CA GLU A 80 4.76 7.07 17.33
C GLU A 80 5.71 7.49 16.18
N PHE A 81 6.21 8.76 16.19
CA PHE A 81 7.13 9.28 15.16
C PHE A 81 8.52 8.67 15.24
N ASP A 82 8.89 7.90 14.20
CA ASP A 82 10.21 7.28 14.11
C ASP A 82 10.83 7.54 12.74
N HIS A 83 11.62 8.62 12.65
CA HIS A 83 12.31 9.08 11.45
C HIS A 83 13.51 9.93 11.87
N PRO A 84 14.67 9.84 11.17
CA PRO A 84 15.83 10.66 11.57
C PRO A 84 15.65 12.17 11.44
N ASN A 85 14.66 12.60 10.64
CA ASN A 85 14.37 14.01 10.40
C ASN A 85 13.07 14.50 11.06
N VAL A 86 12.63 13.79 12.13
CA VAL A 86 11.45 14.11 12.93
C VAL A 86 11.84 13.93 14.40
N MET A 87 11.46 14.89 15.26
CA MET A 87 11.74 14.87 16.70
C MET A 87 11.00 13.75 17.37
N ARG A 88 11.72 12.91 18.11
CA ARG A 88 11.07 11.81 18.81
C ARG A 88 10.72 12.22 20.22
N LEU A 89 9.41 12.42 20.47
CA LEU A 89 8.89 12.75 21.80
C LEU A 89 9.20 11.60 22.78
N ILE A 90 9.84 11.91 23.91
CA ILE A 90 10.23 10.93 24.93
C ILE A 90 9.03 10.58 25.79
N GLY A 91 8.32 11.59 26.26
CA GLY A 91 7.13 11.41 27.07
C GLY A 91 6.48 12.68 27.57
N VAL A 92 5.40 12.52 28.37
CA VAL A 92 4.62 13.59 28.97
C VAL A 92 4.42 13.41 30.47
N CYS A 93 4.38 14.58 31.16
CA CYS A 93 4.21 14.83 32.59
C CYS A 93 3.05 15.83 32.75
N PHE A 94 2.85 16.29 34.02
CA PHE A 94 1.92 17.33 34.45
C PHE A 94 2.50 17.96 35.73
N GLN A 95 2.70 19.30 35.72
CA GLN A 95 3.22 20.05 36.88
C GLN A 95 2.11 20.21 37.91
N PRO A 103 -4.29 21.55 35.84
CA PRO A 103 -2.99 20.88 35.65
C PRO A 103 -2.24 21.36 34.40
N ALA A 104 -0.96 21.77 34.56
CA ALA A 104 -0.17 22.26 33.43
C ALA A 104 0.60 21.13 32.75
N PRO A 105 0.41 20.91 31.44
CA PRO A 105 1.14 19.82 30.76
C PRO A 105 2.65 20.06 30.59
N VAL A 106 3.42 18.99 30.66
CA VAL A 106 4.87 19.00 30.46
C VAL A 106 5.14 18.06 29.27
N VAL A 107 6.22 18.32 28.53
CA VAL A 107 6.65 17.57 27.35
C VAL A 107 8.13 17.28 27.53
N ILE A 108 8.54 16.01 27.36
CA ILE A 108 9.94 15.56 27.50
C ILE A 108 10.49 15.19 26.13
N LEU A 109 11.53 15.88 25.70
CA LEU A 109 12.15 15.70 24.37
C LEU A 109 13.64 15.36 24.48
N PRO A 110 14.26 14.74 23.43
CA PRO A 110 15.72 14.51 23.50
C PRO A 110 16.49 15.81 23.50
N PHE A 111 17.64 15.84 24.19
CA PHE A 111 18.47 17.03 24.23
C PHE A 111 19.28 17.19 22.94
N MET A 112 18.97 18.24 22.17
CA MET A 112 19.61 18.64 20.92
C MET A 112 20.58 19.76 21.23
N LYS A 113 21.88 19.41 21.42
CA LYS A 113 22.91 20.39 21.82
C LYS A 113 23.15 21.54 20.82
N HIS A 114 22.89 21.32 19.52
CA HIS A 114 23.12 22.37 18.53
C HIS A 114 21.97 23.38 18.39
N GLY A 115 20.92 23.24 19.23
CA GLY A 115 19.77 24.14 19.29
C GLY A 115 18.90 24.17 18.05
N ASP A 116 18.10 25.24 17.92
CA ASP A 116 17.18 25.41 16.80
C ASP A 116 17.88 25.93 15.54
N LEU A 117 17.33 25.59 14.36
CA LEU A 117 17.86 25.98 13.07
C LEU A 117 17.89 27.51 12.86
N HIS A 118 16.81 28.24 13.22
CA HIS A 118 16.77 29.70 13.04
C HIS A 118 17.92 30.41 13.77
N SER A 119 18.12 30.10 15.06
CA SER A 119 19.19 30.66 15.88
C SER A 119 20.57 30.41 15.24
N PHE A 120 20.82 29.19 14.75
CA PHE A 120 22.05 28.83 14.07
C PHE A 120 22.30 29.69 12.81
N LEU A 121 21.29 29.80 11.93
CA LEU A 121 21.38 30.61 10.71
C LEU A 121 21.59 32.10 11.06
N LEU A 122 20.84 32.59 12.06
CA LEU A 122 20.92 33.97 12.54
C LEU A 122 22.28 34.31 13.17
N TYR A 123 22.85 33.42 14.00
CA TYR A 123 24.16 33.66 14.62
C TYR A 123 25.33 33.54 13.62
N SER A 124 25.12 32.81 12.50
CA SER A 124 26.11 32.65 11.42
C SER A 124 26.57 33.99 10.86
N ARG A 125 25.67 35.00 10.77
CA ARG A 125 26.01 36.32 10.24
C ARG A 125 26.04 37.39 11.31
N LEU A 126 25.07 37.37 12.23
CA LEU A 126 24.91 38.40 13.25
C LEU A 126 25.57 38.06 14.59
N GLY A 127 26.46 37.07 14.57
CA GLY A 127 27.21 36.68 15.76
C GLY A 127 28.60 37.27 15.82
N ASP A 128 29.29 37.06 16.98
CA ASP A 128 30.66 37.51 17.22
C ASP A 128 31.63 36.71 16.32
N GLN A 129 31.27 35.45 16.01
CA GLN A 129 31.99 34.49 15.17
C GLN A 129 31.20 34.27 13.85
N PRO A 130 31.27 35.18 12.85
CA PRO A 130 30.45 35.01 11.64
C PRO A 130 31.06 34.14 10.55
N VAL A 131 30.49 32.93 10.36
CA VAL A 131 30.92 31.97 9.33
C VAL A 131 29.89 31.94 8.21
N TYR A 132 30.34 32.00 6.94
CA TYR A 132 29.45 31.92 5.78
C TYR A 132 29.14 30.45 5.47
N LEU A 133 27.84 30.07 5.52
CA LEU A 133 27.33 28.73 5.28
C LEU A 133 27.26 28.49 3.76
N PRO A 134 27.85 27.37 3.26
CA PRO A 134 27.82 27.12 1.81
C PRO A 134 26.45 26.70 1.34
N THR A 135 26.09 27.06 0.08
CA THR A 135 24.79 26.74 -0.53
C THR A 135 24.41 25.25 -0.37
N GLN A 136 25.39 24.34 -0.41
CA GLN A 136 25.13 22.90 -0.27
C GLN A 136 24.61 22.54 1.12
N MET A 137 25.18 23.18 2.17
CA MET A 137 24.78 22.97 3.56
C MET A 137 23.33 23.43 3.75
N LEU A 138 22.99 24.60 3.17
CA LEU A 138 21.67 25.19 3.20
C LEU A 138 20.64 24.32 2.50
N VAL A 139 20.97 23.84 1.27
CA VAL A 139 20.12 22.94 0.47
C VAL A 139 19.94 21.58 1.21
N LYS A 140 20.93 21.12 1.98
CA LYS A 140 20.83 19.88 2.76
C LYS A 140 19.85 20.08 3.92
N PHE A 141 19.89 21.29 4.57
CA PHE A 141 18.98 21.64 5.67
C PHE A 141 17.53 21.57 5.15
N MET A 142 17.28 22.13 3.94
CA MET A 142 15.97 22.15 3.28
C MET A 142 15.52 20.73 2.98
N ALA A 143 16.46 19.88 2.48
CA ALA A 143 16.23 18.48 2.12
C ALA A 143 15.83 17.67 3.35
N ASP A 144 16.46 17.99 4.50
CA ASP A 144 16.21 17.37 5.79
C ASP A 144 14.77 17.63 6.29
N ILE A 145 14.26 18.90 6.14
CA ILE A 145 12.90 19.29 6.51
C ILE A 145 11.90 18.53 5.62
N ALA A 146 12.09 18.58 4.27
CA ALA A 146 11.21 17.92 3.31
C ALA A 146 11.13 16.42 3.53
N SER A 147 12.22 15.77 3.98
CA SER A 147 12.23 14.33 4.29
C SER A 147 11.32 14.05 5.50
N GLY A 148 11.49 14.83 6.57
CA GLY A 148 10.68 14.72 7.77
C GLY A 148 9.21 15.07 7.57
N MET A 149 8.95 15.96 6.61
CA MET A 149 7.61 16.40 6.26
C MET A 149 6.93 15.40 5.34
N GLU A 150 7.72 14.68 4.51
CA GLU A 150 7.24 13.62 3.63
C GLU A 150 6.77 12.46 4.51
N TYR A 151 7.53 12.17 5.59
CA TYR A 151 7.23 11.13 6.56
C TYR A 151 5.88 11.45 7.25
N LEU A 152 5.78 12.65 7.89
CA LEU A 152 4.57 13.13 8.55
C LEU A 152 3.35 13.10 7.61
N SER A 153 3.53 13.53 6.35
CA SER A 153 2.48 13.54 5.32
C SER A 153 1.91 12.13 5.07
N THR A 154 2.81 11.10 4.94
CA THR A 154 2.40 9.70 4.73
C THR A 154 1.66 9.16 5.96
N LYS A 155 2.09 9.59 7.16
CA LYS A 155 1.45 9.20 8.43
C LYS A 155 0.16 10.00 8.67
N ARG A 156 -0.30 10.76 7.66
CA ARG A 156 -1.49 11.62 7.66
C ARG A 156 -1.50 12.68 8.79
N PHE A 157 -0.33 13.30 9.04
CA PHE A 157 -0.16 14.33 10.07
C PHE A 157 0.02 15.73 9.48
N ILE A 158 -0.66 16.71 10.09
CA ILE A 158 -0.58 18.12 9.69
C ILE A 158 0.19 18.83 10.80
N HIS A 159 1.35 19.43 10.45
CA HIS A 159 2.23 20.14 11.38
C HIS A 159 1.56 21.40 11.93
N ARG A 160 1.08 22.29 11.04
CA ARG A 160 0.38 23.55 11.33
C ARG A 160 1.28 24.69 11.84
N ASP A 161 2.53 24.40 12.22
CA ASP A 161 3.48 25.41 12.70
C ASP A 161 4.89 25.16 12.18
N LEU A 162 5.02 24.92 10.86
CA LEU A 162 6.32 24.64 10.25
C LEU A 162 7.10 25.93 10.04
N ALA A 163 8.31 26.03 10.64
CA ALA A 163 9.22 27.18 10.56
C ALA A 163 10.64 26.77 10.98
N ALA A 164 11.66 27.51 10.53
CA ALA A 164 13.05 27.26 10.88
C ALA A 164 13.25 27.27 12.41
N ARG A 165 12.47 28.13 13.13
CA ARG A 165 12.50 28.21 14.59
C ARG A 165 12.01 26.92 15.28
N ASN A 166 11.20 26.09 14.59
CA ASN A 166 10.63 24.85 15.12
C ASN A 166 11.31 23.63 14.52
N CYS A 167 12.53 23.85 14.03
CA CYS A 167 13.38 22.83 13.44
C CYS A 167 14.61 22.75 14.28
N MET A 168 14.95 21.52 14.73
CA MET A 168 16.11 21.24 15.59
C MET A 168 17.33 20.66 14.84
N LEU A 169 18.54 20.89 15.40
CA LEU A 169 19.77 20.36 14.83
C LEU A 169 20.31 19.20 15.64
N ASN A 170 20.32 17.99 15.03
CA ASN A 170 20.84 16.72 15.59
C ASN A 170 22.36 16.88 15.79
N GLU A 171 23.03 15.93 16.48
CA GLU A 171 24.50 15.95 16.69
C GLU A 171 25.30 15.92 15.37
N ASN A 172 24.76 15.23 14.32
CA ASN A 172 25.34 15.12 12.98
C ASN A 172 25.05 16.37 12.11
N MET A 173 24.57 17.47 12.74
CA MET A 173 24.17 18.76 12.13
C MET A 173 23.01 18.59 11.16
N SER A 174 22.33 17.45 11.29
CA SER A 174 21.16 17.06 10.52
C SER A 174 19.95 17.81 11.09
N VAL A 175 19.01 18.23 10.24
CA VAL A 175 17.83 18.92 10.74
C VAL A 175 16.71 17.94 10.94
N CYS A 176 15.87 18.20 11.94
CA CYS A 176 14.69 17.42 12.21
C CYS A 176 13.53 18.32 12.62
N VAL A 177 12.38 18.10 12.00
CA VAL A 177 11.18 18.87 12.27
C VAL A 177 10.68 18.58 13.71
N ALA A 178 10.29 19.64 14.44
CA ALA A 178 9.83 19.57 15.84
C ALA A 178 8.62 20.47 16.08
N ASP A 179 8.15 20.55 17.35
CA ASP A 179 6.98 21.29 17.85
C ASP A 179 5.68 20.61 17.46
N PHE A 180 5.42 20.45 16.14
CA PHE A 180 4.24 19.83 15.50
C PHE A 180 2.93 20.57 15.81
N GLY A 181 3.04 21.89 16.02
CA GLY A 181 1.89 22.76 16.33
C GLY A 181 1.05 22.25 17.48
N LEU A 182 1.71 21.74 18.57
CA LEU A 182 1.07 21.22 19.78
C LEU A 182 0.51 22.36 20.63
N SER A 183 1.06 23.57 20.48
CA SER A 183 0.60 24.79 21.17
C SER A 183 -0.52 25.47 20.33
N LYS A 184 -1.48 24.65 19.82
CA LYS A 184 -2.62 25.05 18.99
C LYS A 184 -3.81 24.10 19.23
N PRO A 201 3.77 33.93 13.71
CA PRO A 201 2.98 32.74 13.37
C PRO A 201 2.34 32.82 11.98
N VAL A 202 1.52 33.85 11.78
CA VAL A 202 0.78 34.28 10.59
C VAL A 202 1.62 34.29 9.28
N LYS A 203 2.90 34.74 9.35
CA LYS A 203 3.82 34.85 8.20
C LYS A 203 4.26 33.51 7.55
N TRP A 204 3.89 32.38 8.15
CA TRP A 204 4.21 31.04 7.66
C TRP A 204 2.95 30.32 7.19
N ILE A 205 1.77 30.75 7.68
CA ILE A 205 0.45 30.18 7.40
C ILE A 205 0.02 30.42 5.96
N ALA A 206 -0.50 29.38 5.28
CA ALA A 206 -0.97 29.44 3.91
C ALA A 206 -2.12 30.43 3.77
N ILE A 207 -2.27 31.03 2.60
CA ILE A 207 -3.29 32.02 2.33
C ILE A 207 -4.71 31.50 2.66
N GLU A 208 -5.03 30.23 2.24
CA GLU A 208 -6.34 29.59 2.52
C GLU A 208 -6.57 29.33 4.02
N SER A 209 -5.49 29.11 4.79
CA SER A 209 -5.54 28.87 6.23
C SER A 209 -5.79 30.17 6.99
N LEU A 210 -5.28 31.30 6.49
CA LEU A 210 -5.52 32.61 7.09
C LEU A 210 -7.00 32.97 6.89
N ALA A 211 -7.53 32.68 5.68
CA ALA A 211 -8.87 32.98 5.22
C ALA A 211 -9.97 32.10 5.76
N ASP A 212 -9.76 30.76 5.77
CA ASP A 212 -10.80 29.81 6.18
C ASP A 212 -10.50 28.99 7.43
N ARG A 213 -9.29 29.11 8.00
CA ARG A 213 -8.83 28.36 9.18
C ARG A 213 -8.78 26.83 8.90
N VAL A 214 -8.67 26.49 7.60
CA VAL A 214 -8.60 25.13 7.08
C VAL A 214 -7.10 24.80 6.91
N TYR A 215 -6.67 23.62 7.44
CA TYR A 215 -5.28 23.16 7.37
C TYR A 215 -5.17 21.79 6.72
N THR A 216 -4.28 21.68 5.73
CA THR A 216 -4.02 20.45 4.97
C THR A 216 -2.50 20.22 4.87
N SER A 217 -2.06 19.19 4.13
CA SER A 217 -0.63 18.97 3.94
C SER A 217 -0.14 19.97 2.88
N LYS A 218 -1.08 20.57 2.11
CA LYS A 218 -0.80 21.58 1.09
C LYS A 218 -0.53 22.96 1.70
N SER A 219 -1.04 23.17 2.92
CA SER A 219 -0.79 24.38 3.67
C SER A 219 0.56 24.26 4.41
N ASP A 220 0.99 23.01 4.67
CA ASP A 220 2.27 22.68 5.27
C ASP A 220 3.37 22.89 4.23
N VAL A 221 3.03 22.71 2.94
CA VAL A 221 3.93 22.92 1.79
C VAL A 221 4.22 24.42 1.71
N TRP A 222 3.17 25.27 1.84
CA TRP A 222 3.30 26.74 1.87
C TRP A 222 4.34 27.14 2.92
N SER A 223 4.13 26.71 4.19
CA SER A 223 5.00 26.98 5.33
C SER A 223 6.44 26.54 5.08
N PHE A 224 6.60 25.43 4.34
CA PHE A 224 7.90 24.90 3.95
C PHE A 224 8.61 25.84 2.92
N GLY A 225 7.83 26.40 1.99
CA GLY A 225 8.34 27.37 1.04
C GLY A 225 8.91 28.59 1.76
N VAL A 226 8.19 29.06 2.81
CA VAL A 226 8.60 30.16 3.68
C VAL A 226 9.89 29.77 4.43
N THR A 227 9.98 28.50 4.88
CA THR A 227 11.15 27.99 5.61
C THR A 227 12.38 27.92 4.70
N MET A 228 12.20 27.49 3.44
CA MET A 228 13.28 27.42 2.46
C MET A 228 13.88 28.82 2.28
N TRP A 229 12.99 29.84 2.14
CA TRP A 229 13.34 31.26 2.04
C TRP A 229 14.09 31.71 3.31
N GLU A 230 13.64 31.26 4.50
CA GLU A 230 14.24 31.55 5.81
C GLU A 230 15.65 31.03 5.88
N ILE A 231 15.89 29.85 5.28
CA ILE A 231 17.19 29.19 5.19
C ILE A 231 18.07 29.92 4.16
N ALA A 232 17.52 30.19 2.94
CA ALA A 232 18.21 30.90 1.84
C ALA A 232 18.70 32.29 2.26
N THR A 233 17.86 33.04 3.01
CA THR A 233 18.19 34.37 3.51
C THR A 233 19.05 34.33 4.79
N ARG A 234 19.24 33.13 5.37
CA ARG A 234 20.00 32.86 6.61
C ARG A 234 19.38 33.53 7.84
N GLY A 235 18.07 33.34 7.99
CA GLY A 235 17.30 33.79 9.13
C GLY A 235 16.69 35.17 9.06
N GLN A 236 16.37 35.63 7.84
CA GLN A 236 15.72 36.92 7.70
C GLN A 236 14.24 36.74 7.97
N THR A 237 13.60 37.82 8.43
CA THR A 237 12.19 37.90 8.76
C THR A 237 11.37 37.90 7.47
N PRO A 238 10.40 36.98 7.31
CA PRO A 238 9.56 37.02 6.12
C PRO A 238 8.78 38.33 6.10
N TYR A 239 8.58 38.91 4.90
CA TYR A 239 7.84 40.15 4.65
C TYR A 239 8.28 41.30 5.59
N PRO A 240 9.48 41.89 5.38
CA PRO A 240 9.94 42.98 6.27
C PRO A 240 9.12 44.25 6.07
N GLY A 241 8.65 44.81 7.18
CA GLY A 241 7.83 46.03 7.16
C GLY A 241 6.34 45.77 7.10
N VAL A 242 5.95 44.51 6.78
CA VAL A 242 4.55 44.10 6.73
C VAL A 242 4.18 43.59 8.12
N GLU A 243 3.08 44.10 8.67
CA GLU A 243 2.55 43.67 9.96
C GLU A 243 1.66 42.46 9.77
N ASN A 244 1.55 41.58 10.78
CA ASN A 244 0.72 40.36 10.73
C ASN A 244 -0.72 40.63 10.33
N SER A 245 -1.28 41.75 10.79
CA SER A 245 -2.64 42.17 10.44
C SER A 245 -2.78 42.56 8.95
N GLU A 246 -1.67 42.98 8.32
CA GLU A 246 -1.65 43.39 6.90
C GLU A 246 -1.36 42.22 5.96
N ILE A 247 -0.77 41.13 6.50
CA ILE A 247 -0.32 39.93 5.78
C ILE A 247 -1.37 39.32 4.85
N TYR A 248 -2.61 39.06 5.33
CA TYR A 248 -3.64 38.47 4.46
C TYR A 248 -3.90 39.29 3.20
N ASP A 249 -3.99 40.61 3.34
CA ASP A 249 -4.23 41.52 2.23
C ASP A 249 -3.02 41.65 1.33
N TYR A 250 -1.81 41.65 1.92
CA TYR A 250 -0.55 41.71 1.19
C TYR A 250 -0.44 40.51 0.25
N LEU A 251 -0.68 39.28 0.78
CA LEU A 251 -0.69 38.04 0.00
C LEU A 251 -1.82 38.04 -1.02
N ARG A 252 -3.05 38.46 -0.58
CA ARG A 252 -4.26 38.54 -1.41
C ARG A 252 -4.10 39.51 -2.59
N GLN A 253 -3.24 40.53 -2.46
CA GLN A 253 -2.94 41.48 -3.55
C GLN A 253 -1.91 40.93 -4.55
N GLY A 254 -1.50 39.66 -4.36
CA GLY A 254 -0.58 38.94 -5.24
C GLY A 254 0.86 38.89 -4.78
N ASN A 255 1.19 39.64 -3.74
CA ASN A 255 2.55 39.71 -3.19
C ASN A 255 3.03 38.43 -2.55
N ARG A 256 4.29 38.10 -2.83
CA ARG A 256 5.00 36.92 -2.30
C ARG A 256 6.39 37.36 -1.83
N LEU A 257 7.10 36.47 -1.12
CA LEU A 257 8.44 36.75 -0.64
C LEU A 257 9.36 36.96 -1.85
N LYS A 258 10.08 38.12 -1.90
CA LYS A 258 10.97 38.47 -3.00
C LYS A 258 12.21 37.56 -3.02
N GLN A 259 12.74 37.28 -4.23
CA GLN A 259 13.90 36.41 -4.40
C GLN A 259 15.19 37.02 -3.86
N PRO A 260 15.92 36.32 -2.95
CA PRO A 260 17.20 36.86 -2.46
C PRO A 260 18.22 36.92 -3.59
N ALA A 261 19.03 37.99 -3.60
CA ALA A 261 20.05 38.25 -4.61
C ALA A 261 21.06 37.10 -4.70
N ASP A 262 21.41 36.48 -3.56
CA ASP A 262 22.36 35.38 -3.44
C ASP A 262 21.75 34.01 -3.73
N CYS A 263 20.40 33.93 -3.89
CA CYS A 263 19.67 32.67 -4.09
C CYS A 263 19.46 32.31 -5.55
N LEU A 264 19.63 31.01 -5.86
CA LEU A 264 19.51 30.42 -7.20
C LEU A 264 18.08 30.38 -7.72
N ASP A 265 17.91 30.72 -9.01
CA ASP A 265 16.63 30.75 -9.71
C ASP A 265 15.80 29.47 -9.55
N GLY A 266 16.49 28.32 -9.52
CA GLY A 266 15.89 27.01 -9.37
C GLY A 266 15.33 26.76 -7.99
N LEU A 267 16.11 27.14 -6.96
CA LEU A 267 15.74 27.04 -5.55
C LEU A 267 14.53 27.97 -5.30
N TYR A 268 14.56 29.20 -5.85
CA TYR A 268 13.47 30.16 -5.75
C TYR A 268 12.22 29.69 -6.51
N ALA A 269 12.40 28.88 -7.57
CA ALA A 269 11.27 28.33 -8.34
C ALA A 269 10.54 27.27 -7.50
N LEU A 270 11.29 26.50 -6.68
CA LEU A 270 10.76 25.49 -5.75
C LEU A 270 9.94 26.18 -4.68
N MET A 271 10.45 27.31 -4.11
CA MET A 271 9.77 28.14 -3.10
C MET A 271 8.44 28.63 -3.62
N SER A 272 8.47 29.33 -4.77
CA SER A 272 7.32 29.91 -5.46
C SER A 272 6.19 28.91 -5.72
N ARG A 273 6.56 27.66 -6.04
CA ARG A 273 5.60 26.59 -6.30
C ARG A 273 4.79 26.26 -5.05
N CYS A 274 5.43 26.32 -3.86
CA CYS A 274 4.81 26.12 -2.56
C CYS A 274 3.78 27.21 -2.26
N TRP A 275 3.95 28.42 -2.81
CA TRP A 275 3.05 29.57 -2.56
C TRP A 275 2.02 29.82 -3.65
N GLU A 276 1.77 28.80 -4.49
CA GLU A 276 0.76 28.86 -5.53
C GLU A 276 -0.62 29.03 -4.87
N LEU A 277 -1.46 29.96 -5.39
CA LEU A 277 -2.80 30.25 -4.87
C LEU A 277 -3.66 28.99 -4.73
N ASN A 278 -3.68 28.16 -5.79
CA ASN A 278 -4.41 26.90 -5.79
C ASN A 278 -3.56 25.84 -5.11
N PRO A 279 -4.00 25.31 -3.92
CA PRO A 279 -3.20 24.29 -3.22
C PRO A 279 -2.81 23.07 -4.06
N GLN A 280 -3.68 22.69 -5.02
CA GLN A 280 -3.43 21.53 -5.88
C GLN A 280 -2.29 21.78 -6.92
N ASP A 281 -1.90 23.07 -7.13
CA ASP A 281 -0.79 23.44 -8.01
C ASP A 281 0.57 23.30 -7.29
N ARG A 282 0.55 23.30 -5.93
CA ARG A 282 1.73 23.17 -5.09
C ARG A 282 2.29 21.74 -5.18
N PRO A 283 3.64 21.58 -5.10
CA PRO A 283 4.22 20.21 -5.14
C PRO A 283 3.98 19.41 -3.86
N SER A 284 4.24 18.11 -3.90
CA SER A 284 4.09 17.28 -2.71
C SER A 284 5.42 17.31 -1.96
N PHE A 285 5.46 16.82 -0.70
CA PHE A 285 6.71 16.76 0.05
C PHE A 285 7.66 15.71 -0.50
N THR A 286 7.11 14.72 -1.24
CA THR A 286 7.92 13.68 -1.89
C THR A 286 8.58 14.30 -3.13
N GLU A 287 7.84 15.15 -3.86
CA GLU A 287 8.29 15.89 -5.05
C GLU A 287 9.42 16.86 -4.67
N LEU A 288 9.22 17.65 -3.59
CA LEU A 288 10.20 18.61 -3.07
C LEU A 288 11.50 17.93 -2.66
N ARG A 289 11.40 16.80 -1.93
CA ARG A 289 12.55 16.02 -1.46
C ARG A 289 13.45 15.60 -2.62
N GLU A 290 12.82 15.13 -3.73
CA GLU A 290 13.48 14.70 -4.95
C GLU A 290 14.24 15.84 -5.63
N ASP A 291 13.57 16.98 -5.87
CA ASP A 291 14.17 18.16 -6.52
C ASP A 291 15.30 18.75 -5.70
N LEU A 292 15.16 18.70 -4.37
CA LEU A 292 16.17 19.20 -3.44
C LEU A 292 17.38 18.27 -3.42
N GLU A 293 17.14 16.94 -3.45
CA GLU A 293 18.19 15.91 -3.48
C GLU A 293 18.96 15.92 -4.81
N ASN A 294 18.24 16.17 -5.92
CA ASN A 294 18.81 16.27 -7.26
C ASN A 294 19.79 17.43 -7.35
N THR A 295 19.39 18.62 -6.84
CA THR A 295 20.25 19.79 -6.86
C THR A 295 21.43 19.61 -5.89
N LEU A 296 21.24 18.84 -4.81
CA LEU A 296 22.25 18.56 -3.78
C LEU A 296 23.44 17.71 -4.26
N LYS A 297 23.17 16.72 -5.14
CA LYS A 297 24.23 15.86 -5.69
C LYS A 297 25.08 16.63 -6.71
N ALA A 298 24.47 17.60 -7.41
CA ALA A 298 25.11 18.47 -8.39
C ALA A 298 26.07 19.47 -7.73
N LEU A 299 25.79 19.84 -6.48
CA LEU A 299 26.58 20.79 -5.69
C LEU A 299 27.81 20.12 -5.01
N PRO A 300 28.87 20.91 -4.62
CA PRO A 300 30.04 20.28 -3.96
C PRO A 300 29.75 19.68 -2.58
N PRO A 301 30.46 18.62 -2.12
CA PRO A 301 30.14 18.05 -0.79
C PRO A 301 30.70 18.90 0.38
N ALA A 302 30.39 18.60 1.68
CA ALA A 302 29.55 17.52 2.22
C ALA A 302 28.76 18.01 3.43
N GLY B 1 -0.69 -4.70 -40.92
CA GLY B 1 -0.34 -5.24 -39.60
C GLY B 1 -1.37 -6.22 -39.04
N SER B 2 -2.39 -5.76 -38.28
CA SER B 2 -2.65 -4.37 -37.91
C SER B 2 -3.14 -4.23 -36.45
N ASN B 3 -2.54 -3.36 -35.57
CA ASN B 3 -1.36 -2.46 -35.70
C ASN B 3 -1.07 -1.77 -34.33
N SER B 4 -0.04 -0.88 -34.27
CA SER B 4 0.34 -0.18 -33.03
C SER B 4 0.83 1.27 -33.22
N LEU B 5 1.06 1.71 -34.48
CA LEU B 5 1.50 3.08 -34.80
C LEU B 5 0.47 3.79 -35.66
N GLY B 6 0.18 5.04 -35.32
CA GLY B 6 -0.76 5.86 -36.08
C GLY B 6 -2.21 5.70 -35.69
N ILE B 7 -3.12 6.16 -36.55
CA ILE B 7 -4.55 6.13 -36.30
C ILE B 7 -5.25 5.14 -37.23
N SER B 8 -6.18 4.31 -36.69
CA SER B 8 -6.99 3.33 -37.44
C SER B 8 -7.89 4.01 -38.45
N GLU B 9 -8.29 3.31 -39.53
CA GLU B 9 -9.15 3.88 -40.56
C GLU B 9 -10.55 4.17 -40.03
N GLU B 10 -10.96 3.42 -38.99
CA GLU B 10 -12.24 3.54 -38.29
C GLU B 10 -12.33 4.92 -37.61
N LEU B 11 -11.29 5.29 -36.80
CA LEU B 11 -11.20 6.59 -36.13
C LEU B 11 -11.15 7.71 -37.18
N LYS B 12 -10.46 7.46 -38.32
CA LYS B 12 -10.32 8.41 -39.43
C LYS B 12 -11.72 8.75 -40.00
N GLU B 13 -12.56 7.70 -40.24
CA GLU B 13 -13.95 7.83 -40.70
C GLU B 13 -14.78 8.66 -39.71
N LYS B 14 -14.58 8.43 -38.38
CA LYS B 14 -15.27 9.14 -37.30
C LYS B 14 -14.99 10.66 -37.34
N LEU B 15 -13.72 11.04 -37.31
CA LEU B 15 -13.24 12.43 -37.28
C LEU B 15 -13.25 13.12 -38.65
N ARG B 16 -13.61 12.38 -39.72
CA ARG B 16 -13.65 12.78 -41.14
C ARG B 16 -14.26 14.15 -41.41
N ASP B 17 -15.39 14.47 -40.76
CA ASP B 17 -16.12 15.72 -40.95
C ASP B 17 -15.56 16.89 -40.12
N VAL B 18 -14.76 16.59 -39.07
CA VAL B 18 -14.18 17.59 -38.19
C VAL B 18 -12.67 17.81 -38.45
N MET B 19 -12.18 17.40 -39.62
CA MET B 19 -10.78 17.60 -39.97
C MET B 19 -10.47 19.05 -40.28
N VAL B 20 -9.26 19.48 -39.89
CA VAL B 20 -8.74 20.82 -40.08
C VAL B 20 -7.35 20.71 -40.73
N ASP B 21 -7.11 21.57 -41.76
CA ASP B 21 -5.87 21.64 -42.52
C ASP B 21 -4.67 22.11 -41.68
N ARG B 22 -3.59 21.30 -41.71
CA ARG B 22 -2.30 21.46 -41.03
C ARG B 22 -1.66 22.84 -41.27
N HIS B 23 -1.87 23.35 -42.49
CA HIS B 23 -1.34 24.61 -43.01
C HIS B 23 -2.21 25.82 -42.67
N LYS B 24 -3.33 25.62 -41.95
CA LYS B 24 -4.26 26.68 -41.53
C LYS B 24 -4.20 26.92 -40.01
N VAL B 25 -3.37 26.12 -39.28
CA VAL B 25 -3.22 26.18 -37.81
C VAL B 25 -1.81 26.61 -37.41
N ALA B 26 -1.71 27.59 -36.48
CA ALA B 26 -0.44 28.09 -35.96
C ALA B 26 -0.46 28.06 -34.42
N LEU B 27 0.44 27.26 -33.82
CA LEU B 27 0.57 27.15 -32.36
C LEU B 27 1.42 28.29 -31.78
N GLY B 28 0.96 28.84 -30.65
CA GLY B 28 1.63 29.95 -29.97
C GLY B 28 2.12 29.60 -28.60
N LYS B 29 1.82 30.47 -27.61
CA LYS B 29 2.23 30.31 -26.21
C LYS B 29 1.46 29.19 -25.49
N THR B 30 2.11 28.49 -24.55
CA THR B 30 1.45 27.43 -23.80
C THR B 30 0.62 28.07 -22.66
N LEU B 31 -0.71 27.82 -22.68
CA LEU B 31 -1.72 28.32 -21.72
C LEU B 31 -1.71 27.56 -20.40
N GLY B 32 -1.48 26.25 -20.47
CA GLY B 32 -1.42 25.35 -19.34
C GLY B 32 -1.02 23.94 -19.71
N GLU B 33 -1.04 23.03 -18.71
CA GLU B 33 -0.70 21.62 -18.91
C GLU B 33 -2.01 20.79 -18.88
N GLY B 34 -2.14 19.90 -19.86
CA GLY B 34 -3.29 19.02 -20.00
C GLY B 34 -2.98 17.58 -19.60
N GLU B 35 -3.97 16.71 -19.81
CA GLU B 35 -3.96 15.28 -19.52
C GLU B 35 -2.83 14.59 -20.30
N PHE B 36 -2.71 14.95 -21.59
CA PHE B 36 -1.76 14.36 -22.52
C PHE B 36 -0.54 15.23 -22.78
N GLY B 37 -0.76 16.49 -23.11
CA GLY B 37 0.32 17.42 -23.40
C GLY B 37 0.03 18.80 -22.86
N ALA B 38 0.39 19.83 -23.62
CA ALA B 38 0.15 21.19 -23.20
C ALA B 38 -1.01 21.82 -23.95
N VAL B 39 -1.76 22.68 -23.26
CA VAL B 39 -2.86 23.43 -23.86
C VAL B 39 -2.18 24.72 -24.32
N MET B 40 -2.20 24.98 -25.63
CA MET B 40 -1.58 26.17 -26.21
C MET B 40 -2.60 27.13 -26.78
N GLU B 41 -2.19 28.40 -26.92
CA GLU B 41 -2.97 29.47 -27.53
C GLU B 41 -2.67 29.30 -29.02
N GLY B 42 -3.67 29.49 -29.86
CA GLY B 42 -3.48 29.26 -31.29
C GLY B 42 -4.20 30.20 -32.22
N GLN B 43 -3.80 30.13 -33.51
CA GLN B 43 -4.31 30.94 -34.61
C GLN B 43 -4.79 30.03 -35.74
N LEU B 44 -6.09 30.12 -36.06
CA LEU B 44 -6.72 29.32 -37.11
C LEU B 44 -7.16 30.21 -38.26
N ASN B 45 -6.69 29.90 -39.47
CA ASN B 45 -7.01 30.59 -40.70
C ASN B 45 -8.47 30.37 -41.13
N GLN B 46 -9.29 31.46 -41.02
CA GLN B 46 -10.70 31.50 -41.41
C GLN B 46 -10.87 31.94 -42.88
N SER B 49 -9.34 37.02 -41.93
CA SER B 49 -9.55 36.89 -40.48
C SER B 49 -8.86 35.62 -39.93
N ILE B 50 -8.01 35.79 -38.87
CA ILE B 50 -7.30 34.70 -38.17
C ILE B 50 -7.91 34.48 -36.74
N LEU B 51 -8.66 33.35 -36.55
CA LEU B 51 -9.36 33.02 -35.31
C LEU B 51 -8.44 32.61 -34.18
N LYS B 52 -8.66 33.22 -33.00
CA LYS B 52 -7.94 32.89 -31.77
C LYS B 52 -8.62 31.63 -31.18
N VAL B 53 -7.83 30.56 -31.09
CA VAL B 53 -8.32 29.27 -30.63
C VAL B 53 -7.46 28.74 -29.48
N ALA B 54 -7.96 27.70 -28.79
CA ALA B 54 -7.24 26.96 -27.75
C ALA B 54 -6.90 25.61 -28.38
N VAL B 55 -5.65 25.22 -28.28
CA VAL B 55 -5.23 23.99 -28.90
C VAL B 55 -4.65 23.02 -27.88
N LYS B 56 -5.31 21.86 -27.71
CA LYS B 56 -4.87 20.80 -26.80
C LYS B 56 -3.87 19.97 -27.60
N THR B 57 -2.63 19.87 -27.11
CA THR B 57 -1.57 19.12 -27.80
C THR B 57 -1.16 17.88 -27.01
N MET B 58 -0.33 17.04 -27.65
CA MET B 58 0.21 15.80 -27.10
C MET B 58 1.72 15.95 -26.86
N LYS B 59 2.19 15.63 -25.64
CA LYS B 59 3.59 15.78 -25.21
C LYS B 59 4.54 14.69 -25.76
N ILE B 60 4.10 13.41 -25.69
CA ILE B 60 4.86 12.26 -26.17
C ILE B 60 5.15 12.37 -27.68
N ALA B 61 6.45 12.33 -28.02
CA ALA B 61 7.00 12.39 -29.38
C ALA B 61 6.67 11.08 -30.10
N ILE B 62 7.28 9.97 -29.65
CA ILE B 62 7.10 8.61 -30.17
C ILE B 62 5.87 8.00 -29.45
N CYS B 63 4.66 8.20 -30.02
CA CYS B 63 3.40 7.75 -29.43
C CYS B 63 2.80 6.47 -30.05
N THR B 64 2.00 5.73 -29.23
CA THR B 64 1.31 4.49 -29.58
C THR B 64 0.00 4.85 -30.29
N ARG B 65 -0.66 3.85 -30.90
CA ARG B 65 -1.98 4.01 -31.51
C ARG B 65 -3.02 4.27 -30.41
N SER B 66 -2.90 3.54 -29.27
CA SER B 66 -3.77 3.66 -28.09
C SER B 66 -3.64 5.03 -27.43
N GLU B 67 -2.43 5.63 -27.46
CA GLU B 67 -2.17 6.96 -26.90
C GLU B 67 -2.84 8.02 -27.74
N LEU B 68 -2.78 7.87 -29.07
CA LEU B 68 -3.43 8.77 -30.02
C LEU B 68 -4.93 8.62 -29.89
N GLU B 69 -5.40 7.36 -29.75
CA GLU B 69 -6.81 6.97 -29.61
C GLU B 69 -7.44 7.62 -28.38
N ASP B 70 -6.75 7.52 -27.21
CA ASP B 70 -7.18 8.10 -25.93
C ASP B 70 -7.22 9.62 -25.96
N PHE B 71 -6.22 10.27 -26.58
CA PHE B 71 -6.16 11.73 -26.72
C PHE B 71 -7.36 12.26 -27.52
N LEU B 72 -7.73 11.55 -28.62
CA LEU B 72 -8.81 11.91 -29.53
C LEU B 72 -10.20 11.40 -29.09
N SER B 73 -10.29 10.74 -27.92
CA SER B 73 -11.55 10.26 -27.36
C SER B 73 -12.53 11.45 -27.17
N GLU B 74 -12.05 12.56 -26.54
CA GLU B 74 -12.81 13.79 -26.31
C GLU B 74 -13.30 14.40 -27.63
N ALA B 75 -12.49 14.28 -28.69
CA ALA B 75 -12.81 14.81 -30.00
C ALA B 75 -13.99 14.06 -30.59
N VAL B 76 -13.95 12.70 -30.60
CA VAL B 76 -15.01 11.80 -31.07
C VAL B 76 -16.36 12.14 -30.38
N CYS B 77 -16.32 12.51 -29.09
CA CYS B 77 -17.46 12.89 -28.27
C CYS B 77 -18.03 14.26 -28.70
N MET B 78 -17.18 15.30 -28.59
CA MET B 78 -17.52 16.70 -28.87
C MET B 78 -18.03 17.03 -30.28
N LYS B 79 -17.80 16.15 -31.26
CA LYS B 79 -18.24 16.33 -32.63
C LYS B 79 -19.77 16.17 -32.78
N GLU B 80 -20.48 15.77 -31.68
CA GLU B 80 -21.94 15.59 -31.59
C GLU B 80 -22.58 16.63 -30.67
N PHE B 81 -21.79 17.60 -30.15
CA PHE B 81 -22.30 18.52 -29.12
C PHE B 81 -22.59 19.93 -29.61
N ASP B 82 -23.87 20.33 -29.60
CA ASP B 82 -24.29 21.67 -29.97
C ASP B 82 -25.30 22.21 -28.96
N HIS B 83 -24.79 22.94 -27.96
CA HIS B 83 -25.57 23.54 -26.87
C HIS B 83 -24.77 24.73 -26.31
N PRO B 84 -25.43 25.86 -25.91
CA PRO B 84 -24.65 26.99 -25.37
C PRO B 84 -23.91 26.72 -24.06
N ASN B 85 -24.33 25.67 -23.32
CA ASN B 85 -23.73 25.30 -22.05
C ASN B 85 -22.88 24.01 -22.12
N VAL B 86 -22.38 23.68 -23.32
CA VAL B 86 -21.52 22.53 -23.59
C VAL B 86 -20.40 23.02 -24.55
N MET B 87 -19.14 22.65 -24.28
CA MET B 87 -17.99 23.04 -25.10
C MET B 87 -18.07 22.41 -26.51
N ARG B 88 -17.91 23.25 -27.57
CA ARG B 88 -17.98 22.87 -28.98
C ARG B 88 -16.59 22.62 -29.56
N LEU B 89 -16.50 21.61 -30.43
CA LEU B 89 -15.25 21.23 -31.09
C LEU B 89 -15.09 22.04 -32.36
N ILE B 90 -13.98 22.80 -32.48
CA ILE B 90 -13.72 23.54 -33.72
C ILE B 90 -13.29 22.51 -34.77
N GLY B 91 -12.28 21.71 -34.44
CA GLY B 91 -11.79 20.66 -35.32
C GLY B 91 -10.57 19.93 -34.80
N VAL B 92 -10.08 18.98 -35.61
CA VAL B 92 -8.89 18.18 -35.30
C VAL B 92 -7.89 18.27 -36.50
N CYS B 93 -6.64 18.62 -36.20
CA CYS B 93 -5.58 18.79 -37.19
C CYS B 93 -4.46 17.79 -36.92
N PHE B 94 -3.75 17.33 -37.96
CA PHE B 94 -2.65 16.39 -37.76
C PHE B 94 -1.28 17.03 -37.90
N ARG B 99 1.44 10.92 -42.92
CA ARG B 99 1.22 10.73 -41.49
C ARG B 99 0.39 9.44 -41.20
N GLU B 100 1.11 8.29 -41.03
CA GLU B 100 0.54 6.97 -40.75
C GLU B 100 1.20 6.31 -39.54
N SER B 101 2.27 6.95 -39.04
CA SER B 101 3.03 6.47 -37.90
C SER B 101 2.94 7.51 -36.78
N PHE B 102 3.25 8.78 -37.12
CA PHE B 102 3.24 9.90 -36.18
C PHE B 102 2.46 11.11 -36.73
N PRO B 103 1.10 11.02 -36.77
CA PRO B 103 0.31 12.14 -37.28
C PRO B 103 0.33 13.41 -36.43
N ALA B 104 0.64 13.28 -35.11
CA ALA B 104 0.68 14.37 -34.12
C ALA B 104 -0.60 15.24 -34.16
N PRO B 105 -1.74 14.69 -33.68
CA PRO B 105 -2.99 15.46 -33.72
C PRO B 105 -3.00 16.58 -32.70
N VAL B 106 -3.80 17.60 -33.01
CA VAL B 106 -4.00 18.77 -32.19
C VAL B 106 -5.52 19.03 -32.14
N VAL B 107 -6.11 19.04 -30.93
CA VAL B 107 -7.55 19.28 -30.72
C VAL B 107 -7.77 20.79 -30.64
N ILE B 108 -8.54 21.34 -31.59
CA ILE B 108 -8.82 22.77 -31.70
C ILE B 108 -10.18 23.11 -31.07
N LEU B 109 -10.16 23.97 -30.06
CA LEU B 109 -11.35 24.42 -29.32
C LEU B 109 -11.46 25.95 -29.37
N PRO B 110 -12.62 26.56 -29.06
CA PRO B 110 -12.71 28.03 -29.02
C PRO B 110 -11.89 28.63 -27.88
N PHE B 111 -11.30 29.82 -28.09
CA PHE B 111 -10.54 30.49 -27.04
C PHE B 111 -11.50 31.19 -26.06
N MET B 112 -11.57 30.69 -24.82
CA MET B 112 -12.40 31.20 -23.73
C MET B 112 -11.49 32.07 -22.86
N LYS B 113 -11.52 33.40 -23.10
CA LYS B 113 -10.65 34.36 -22.40
C LYS B 113 -10.89 34.43 -20.88
N HIS B 114 -12.10 34.09 -20.39
CA HIS B 114 -12.40 34.15 -18.94
C HIS B 114 -11.91 32.91 -18.15
N GLY B 115 -11.30 31.95 -18.84
CA GLY B 115 -10.72 30.74 -18.26
C GLY B 115 -11.71 29.74 -17.71
N ASP B 116 -11.26 28.89 -16.77
CA ASP B 116 -12.09 27.89 -16.08
C ASP B 116 -12.84 28.48 -14.88
N LEU B 117 -13.98 27.86 -14.52
CA LEU B 117 -14.83 28.30 -13.42
C LEU B 117 -14.13 28.22 -12.06
N HIS B 118 -13.40 27.14 -11.75
CA HIS B 118 -12.69 27.00 -10.46
C HIS B 118 -11.71 28.14 -10.21
N SER B 119 -10.85 28.45 -11.19
CA SER B 119 -9.87 29.55 -11.13
C SER B 119 -10.55 30.88 -10.84
N PHE B 120 -11.67 31.17 -11.53
CA PHE B 120 -12.45 32.39 -11.33
C PHE B 120 -12.98 32.51 -9.90
N LEU B 121 -13.62 31.44 -9.38
CA LEU B 121 -14.16 31.39 -8.03
C LEU B 121 -13.02 31.53 -6.99
N LEU B 122 -11.90 30.84 -7.23
CA LEU B 122 -10.73 30.86 -6.36
C LEU B 122 -10.08 32.25 -6.30
N TYR B 123 -10.06 32.98 -7.44
CA TYR B 123 -9.53 34.35 -7.55
C TYR B 123 -10.51 35.45 -7.06
N SER B 124 -11.74 35.08 -6.69
CA SER B 124 -12.77 36.00 -6.20
C SER B 124 -12.95 35.83 -4.69
N ARG B 125 -12.01 35.13 -4.07
CA ARG B 125 -12.07 34.82 -2.66
C ARG B 125 -10.70 34.99 -2.04
N LEU B 126 -9.66 34.69 -2.82
CA LEU B 126 -8.27 34.69 -2.44
C LEU B 126 -7.37 35.50 -3.41
N GLY B 127 -7.98 36.10 -4.43
CA GLY B 127 -7.27 36.83 -5.48
C GLY B 127 -7.14 38.34 -5.37
N ASP B 128 -6.36 38.92 -6.32
CA ASP B 128 -5.96 40.33 -6.49
C ASP B 128 -7.11 41.37 -6.37
N GLN B 129 -8.16 41.22 -7.19
CA GLN B 129 -9.31 42.12 -7.26
C GLN B 129 -10.35 41.85 -6.11
N PRO B 130 -11.07 42.90 -5.61
CA PRO B 130 -12.02 42.66 -4.50
C PRO B 130 -13.44 42.24 -4.96
N VAL B 131 -13.57 41.82 -6.25
CA VAL B 131 -14.81 41.38 -6.89
C VAL B 131 -15.59 40.41 -5.98
N TYR B 132 -16.84 40.78 -5.67
CA TYR B 132 -17.74 40.02 -4.80
C TYR B 132 -18.77 39.29 -5.68
N LEU B 133 -19.00 37.98 -5.39
CA LEU B 133 -19.97 37.22 -6.17
C LEU B 133 -21.32 37.07 -5.45
N PRO B 134 -22.39 37.69 -6.02
CA PRO B 134 -23.72 37.58 -5.38
C PRO B 134 -24.31 36.19 -5.57
N THR B 135 -25.10 35.74 -4.59
CA THR B 135 -25.74 34.41 -4.59
C THR B 135 -26.48 34.10 -5.91
N GLN B 136 -27.07 35.12 -6.56
CA GLN B 136 -27.79 34.96 -7.84
C GLN B 136 -26.84 34.55 -8.96
N MET B 137 -25.62 35.14 -9.00
CA MET B 137 -24.59 34.85 -10.00
C MET B 137 -24.12 33.39 -9.83
N LEU B 138 -23.93 32.95 -8.56
CA LEU B 138 -23.50 31.61 -8.20
C LEU B 138 -24.58 30.58 -8.58
N VAL B 139 -25.87 30.85 -8.26
CA VAL B 139 -27.01 30.00 -8.62
C VAL B 139 -27.18 29.94 -10.16
N LYS B 140 -26.83 31.02 -10.89
CA LYS B 140 -26.91 31.02 -12.35
C LYS B 140 -25.80 30.13 -12.93
N PHE B 141 -24.59 30.12 -12.30
CA PHE B 141 -23.46 29.28 -12.71
C PHE B 141 -23.89 27.81 -12.61
N MET B 142 -24.56 27.45 -11.47
CA MET B 142 -25.07 26.10 -11.19
C MET B 142 -26.14 25.72 -12.22
N ALA B 143 -27.04 26.67 -12.54
CA ALA B 143 -28.12 26.49 -13.53
C ALA B 143 -27.55 26.24 -14.94
N ASP B 144 -26.43 26.90 -15.31
CA ASP B 144 -25.72 26.72 -16.59
C ASP B 144 -25.15 25.28 -16.71
N ILE B 145 -24.55 24.76 -15.63
CA ILE B 145 -24.00 23.40 -15.62
C ILE B 145 -25.14 22.41 -15.83
N ALA B 146 -26.21 22.52 -15.01
CA ALA B 146 -27.37 21.62 -15.08
C ALA B 146 -28.02 21.62 -16.46
N SER B 147 -28.04 22.79 -17.16
CA SER B 147 -28.59 22.88 -18.52
C SER B 147 -27.77 22.04 -19.52
N GLY B 148 -26.44 22.22 -19.51
CA GLY B 148 -25.50 21.49 -20.35
C GLY B 148 -25.52 20.01 -20.05
N MET B 149 -25.66 19.65 -18.73
CA MET B 149 -25.72 18.27 -18.24
C MET B 149 -27.03 17.60 -18.59
N GLU B 150 -28.14 18.37 -18.66
CA GLU B 150 -29.47 17.89 -19.07
C GLU B 150 -29.37 17.52 -20.57
N TYR B 151 -28.66 18.34 -21.37
CA TYR B 151 -28.43 18.13 -22.79
C TYR B 151 -27.66 16.80 -22.98
N LEU B 152 -26.47 16.68 -22.35
CA LEU B 152 -25.64 15.48 -22.41
C LEU B 152 -26.39 14.22 -21.98
N SER B 153 -27.21 14.32 -20.88
CA SER B 153 -28.04 13.23 -20.37
C SER B 153 -29.02 12.72 -21.42
N THR B 154 -29.72 13.65 -22.16
CA THR B 154 -30.69 13.28 -23.21
C THR B 154 -29.97 12.62 -24.38
N LYS B 155 -28.73 13.08 -24.70
CA LYS B 155 -27.90 12.52 -25.77
C LYS B 155 -27.25 11.19 -25.32
N ARG B 156 -27.64 10.67 -24.13
CA ARG B 156 -27.15 9.43 -23.49
C ARG B 156 -25.62 9.44 -23.27
N PHE B 157 -25.09 10.59 -22.82
CA PHE B 157 -23.67 10.77 -22.56
C PHE B 157 -23.34 10.84 -21.06
N ILE B 158 -22.27 10.14 -20.67
CA ILE B 158 -21.76 10.14 -19.28
C ILE B 158 -20.47 10.95 -19.28
N HIS B 159 -20.45 12.06 -18.51
CA HIS B 159 -19.28 12.95 -18.40
C HIS B 159 -18.10 12.24 -17.72
N ARG B 160 -18.34 11.69 -16.50
CA ARG B 160 -17.41 10.93 -15.64
C ARG B 160 -16.33 11.80 -14.96
N ASP B 161 -16.19 13.07 -15.36
CA ASP B 161 -15.23 14.01 -14.73
C ASP B 161 -15.81 15.41 -14.55
N LEU B 162 -17.02 15.50 -14.00
CA LEU B 162 -17.68 16.77 -13.75
C LEU B 162 -17.13 17.41 -12.45
N ALA B 163 -16.59 18.62 -12.60
CA ALA B 163 -15.98 19.46 -11.54
C ALA B 163 -15.89 20.91 -12.04
N ALA B 164 -15.87 21.88 -11.12
CA ALA B 164 -15.77 23.30 -11.48
C ALA B 164 -14.54 23.59 -12.34
N ARG B 165 -13.44 22.83 -12.13
CA ARG B 165 -12.19 22.93 -12.89
C ARG B 165 -12.36 22.55 -14.38
N ASN B 166 -13.38 21.73 -14.69
CA ASN B 166 -13.66 21.26 -16.04
C ASN B 166 -14.87 21.98 -16.69
N CYS B 167 -15.23 23.16 -16.17
CA CYS B 167 -16.32 24.02 -16.67
C CYS B 167 -15.70 25.36 -17.06
N MET B 168 -15.96 25.80 -18.30
CA MET B 168 -15.40 27.03 -18.89
C MET B 168 -16.35 28.25 -18.87
N LEU B 169 -15.79 29.49 -18.87
CA LEU B 169 -16.57 30.73 -18.86
C LEU B 169 -16.50 31.44 -20.20
N ASN B 170 -17.66 31.66 -20.84
CA ASN B 170 -17.65 32.35 -22.13
C ASN B 170 -17.63 33.87 -21.93
N GLU B 171 -17.55 34.63 -23.05
CA GLU B 171 -17.56 36.10 -23.12
C GLU B 171 -18.55 36.78 -22.12
N ASN B 172 -19.86 36.43 -22.20
CA ASN B 172 -20.91 36.99 -21.34
C ASN B 172 -21.04 36.29 -19.95
N MET B 173 -20.02 35.52 -19.54
CA MET B 173 -19.94 34.84 -18.24
C MET B 173 -21.02 33.75 -18.03
N SER B 174 -21.33 33.04 -19.12
CA SER B 174 -22.23 31.89 -19.14
C SER B 174 -21.28 30.71 -19.05
N VAL B 175 -21.59 29.75 -18.14
CA VAL B 175 -20.75 28.56 -17.94
C VAL B 175 -21.12 27.48 -18.94
N CYS B 176 -20.13 26.71 -19.35
CA CYS B 176 -20.31 25.58 -20.24
C CYS B 176 -19.46 24.41 -19.79
N VAL B 177 -20.07 23.23 -19.72
CA VAL B 177 -19.39 22.01 -19.32
C VAL B 177 -18.36 21.60 -20.41
N ALA B 178 -17.15 21.19 -19.98
CA ALA B 178 -16.05 20.81 -20.89
C ALA B 178 -15.31 19.57 -20.35
N ASP B 179 -14.18 19.18 -21.01
CA ASP B 179 -13.30 18.03 -20.70
C ASP B 179 -14.05 16.68 -20.80
N PHE B 180 -14.09 16.13 -22.03
CA PHE B 180 -14.77 14.89 -22.33
C PHE B 180 -13.76 13.73 -22.56
N GLY B 181 -12.62 13.85 -21.87
CA GLY B 181 -11.53 12.88 -21.92
C GLY B 181 -11.93 11.54 -21.33
N LEU B 182 -12.85 11.57 -20.35
CA LEU B 182 -13.36 10.39 -19.64
C LEU B 182 -14.78 10.04 -20.09
N SER B 183 -15.41 10.93 -20.86
CA SER B 183 -16.78 10.77 -21.36
C SER B 183 -17.01 9.51 -22.18
N LYS B 184 -18.20 8.92 -22.01
CA LYS B 184 -18.63 7.70 -22.68
C LYS B 184 -20.08 7.81 -23.16
N LYS B 185 -20.34 7.27 -24.36
CA LYS B 185 -21.68 7.19 -24.93
C LYS B 185 -22.30 5.89 -24.40
N ILE B 186 -23.47 6.00 -23.74
CA ILE B 186 -24.16 4.88 -23.10
C ILE B 186 -25.41 4.43 -23.89
N TYR B 187 -25.82 3.16 -23.72
CA TYR B 187 -26.99 2.60 -24.39
C TYR B 187 -27.95 1.89 -23.44
N ASN B 188 -27.41 0.95 -22.62
CA ASN B 188 -28.23 0.18 -21.66
C ASN B 188 -28.39 0.94 -20.34
N GLY B 189 -27.37 0.92 -19.48
CA GLY B 189 -27.39 1.59 -18.20
C GLY B 189 -26.01 1.81 -17.64
N ASP B 190 -25.48 0.75 -16.98
CA ASP B 190 -24.15 0.69 -16.35
C ASP B 190 -23.05 0.95 -17.34
N TYR B 191 -21.97 1.58 -16.87
CA TYR B 191 -20.72 1.68 -17.60
C TYR B 191 -19.67 1.25 -16.58
N TYR B 192 -19.00 0.13 -16.84
CA TYR B 192 -17.98 -0.42 -15.96
C TYR B 192 -16.60 -0.13 -16.54
N ARG B 193 -15.80 0.64 -15.78
CA ARG B 193 -14.46 1.10 -16.14
C ARG B 193 -13.39 0.00 -16.03
N ILE B 197 -7.79 0.21 -15.87
CA ILE B 197 -7.04 0.78 -14.75
C ILE B 197 -6.58 2.22 -15.06
N ALA B 198 -7.28 3.21 -14.47
CA ALA B 198 -6.98 4.66 -14.61
C ALA B 198 -7.49 5.44 -13.38
N LYS B 199 -6.63 6.35 -12.88
CA LYS B 199 -6.86 7.21 -11.71
C LYS B 199 -8.11 8.09 -11.89
N MET B 200 -8.95 8.16 -10.84
CA MET B 200 -10.18 8.96 -10.85
C MET B 200 -10.17 10.03 -9.73
N PRO B 201 -10.89 11.18 -9.87
CA PRO B 201 -10.91 12.16 -8.76
C PRO B 201 -11.87 11.68 -7.67
N VAL B 202 -11.35 10.85 -6.74
CA VAL B 202 -12.12 10.15 -5.70
C VAL B 202 -13.18 11.07 -5.02
N LYS B 203 -12.82 12.32 -4.71
CA LYS B 203 -13.69 13.28 -4.01
C LYS B 203 -14.89 13.84 -4.82
N TRP B 204 -14.99 13.53 -6.13
CA TRP B 204 -16.13 13.94 -6.98
C TRP B 204 -16.98 12.74 -7.38
N ILE B 205 -16.36 11.55 -7.34
CA ILE B 205 -16.92 10.26 -7.72
C ILE B 205 -18.05 9.83 -6.77
N ALA B 206 -19.18 9.38 -7.37
CA ALA B 206 -20.34 8.87 -6.62
C ALA B 206 -19.95 7.65 -5.79
N ILE B 207 -20.65 7.45 -4.68
CA ILE B 207 -20.41 6.35 -3.76
C ILE B 207 -20.42 4.98 -4.49
N GLU B 208 -21.42 4.73 -5.38
CA GLU B 208 -21.51 3.48 -6.14
C GLU B 208 -20.36 3.30 -7.14
N SER B 209 -19.79 4.42 -7.66
CA SER B 209 -18.68 4.43 -8.61
C SER B 209 -17.36 4.11 -7.90
N LEU B 210 -17.23 4.49 -6.61
CA LEU B 210 -16.07 4.15 -5.77
C LEU B 210 -16.10 2.64 -5.46
N ALA B 211 -17.30 2.13 -5.13
CA ALA B 211 -17.57 0.75 -4.75
C ALA B 211 -17.55 -0.23 -5.91
N ASP B 212 -18.16 0.12 -7.06
CA ASP B 212 -18.31 -0.84 -8.14
C ASP B 212 -17.73 -0.42 -9.47
N ARG B 213 -17.13 0.77 -9.58
CA ARG B 213 -16.55 1.31 -10.83
C ARG B 213 -17.59 1.44 -11.95
N VAL B 214 -18.87 1.52 -11.57
CA VAL B 214 -20.04 1.66 -12.42
C VAL B 214 -20.36 3.17 -12.52
N TYR B 215 -20.58 3.69 -13.75
CA TYR B 215 -20.87 5.10 -14.03
C TYR B 215 -22.15 5.24 -14.84
N THR B 216 -23.06 6.09 -14.34
CA THR B 216 -24.35 6.41 -14.97
C THR B 216 -24.54 7.94 -15.01
N SER B 217 -25.72 8.42 -15.43
CA SER B 217 -26.03 9.86 -15.41
C SER B 217 -26.34 10.25 -13.98
N LYS B 218 -26.65 9.25 -13.12
CA LYS B 218 -26.96 9.44 -11.71
C LYS B 218 -25.69 9.65 -10.88
N SER B 219 -24.55 9.18 -11.41
CA SER B 219 -23.25 9.38 -10.78
C SER B 219 -22.71 10.75 -11.18
N ASP B 220 -23.15 11.24 -12.36
CA ASP B 220 -22.83 12.59 -12.87
C ASP B 220 -23.54 13.62 -11.95
N VAL B 221 -24.80 13.27 -11.50
CA VAL B 221 -25.66 14.07 -10.61
C VAL B 221 -24.89 14.28 -9.30
N TRP B 222 -24.29 13.20 -8.75
CA TRP B 222 -23.45 13.24 -7.54
C TRP B 222 -22.34 14.27 -7.72
N SER B 223 -21.51 14.10 -8.78
CA SER B 223 -20.40 14.99 -9.14
C SER B 223 -20.87 16.45 -9.27
N PHE B 224 -22.10 16.68 -9.83
CA PHE B 224 -22.75 18.00 -9.96
C PHE B 224 -23.05 18.60 -8.58
N GLY B 225 -23.37 17.74 -7.61
CA GLY B 225 -23.59 18.14 -6.22
C GLY B 225 -22.31 18.69 -5.60
N VAL B 226 -21.19 17.96 -5.78
CA VAL B 226 -19.83 18.33 -5.31
C VAL B 226 -19.45 19.70 -5.94
N THR B 227 -19.82 19.90 -7.23
CA THR B 227 -19.59 21.10 -8.03
C THR B 227 -20.39 22.28 -7.46
N MET B 228 -21.71 22.07 -7.19
CA MET B 228 -22.59 23.10 -6.60
C MET B 228 -21.94 23.59 -5.30
N TRP B 229 -21.45 22.64 -4.46
CA TRP B 229 -20.71 22.90 -3.23
C TRP B 229 -19.43 23.69 -3.52
N GLU B 230 -18.66 23.30 -4.56
CA GLU B 230 -17.45 24.02 -4.98
C GLU B 230 -17.81 25.48 -5.27
N ILE B 231 -18.93 25.72 -6.03
CA ILE B 231 -19.44 27.06 -6.39
C ILE B 231 -19.86 27.83 -5.10
N ALA B 232 -20.65 27.19 -4.23
CA ALA B 232 -21.12 27.76 -2.98
C ALA B 232 -19.98 28.18 -2.05
N THR B 233 -18.92 27.33 -1.94
CA THR B 233 -17.73 27.59 -1.11
C THR B 233 -16.72 28.51 -1.82
N ARG B 234 -16.96 28.80 -3.12
CA ARG B 234 -16.13 29.63 -3.98
C ARG B 234 -14.73 29.01 -4.20
N GLY B 235 -14.71 27.71 -4.54
CA GLY B 235 -13.49 26.97 -4.87
C GLY B 235 -12.76 26.23 -3.75
N GLN B 236 -13.48 25.79 -2.71
CA GLN B 236 -12.83 25.07 -1.62
C GLN B 236 -12.66 23.58 -1.95
N THR B 237 -11.73 22.91 -1.24
CA THR B 237 -11.40 21.50 -1.37
C THR B 237 -12.46 20.62 -0.71
N PRO B 238 -13.06 19.64 -1.45
CA PRO B 238 -14.07 18.79 -0.81
C PRO B 238 -13.43 17.91 0.27
N TYR B 239 -14.16 17.69 1.36
CA TYR B 239 -13.78 16.87 2.52
C TYR B 239 -12.33 17.18 3.03
N PRO B 240 -12.09 18.35 3.67
CA PRO B 240 -10.73 18.62 4.17
C PRO B 240 -10.40 17.75 5.39
N GLY B 241 -9.23 17.10 5.36
CA GLY B 241 -8.80 16.22 6.43
C GLY B 241 -9.13 14.76 6.21
N VAL B 242 -10.06 14.48 5.26
CA VAL B 242 -10.44 13.12 4.89
C VAL B 242 -9.52 12.69 3.74
N GLU B 243 -8.87 11.53 3.89
CA GLU B 243 -7.98 10.96 2.87
C GLU B 243 -8.79 10.17 1.88
N ASN B 244 -8.34 10.09 0.61
CA ASN B 244 -9.03 9.37 -0.46
C ASN B 244 -9.37 7.93 -0.10
N SER B 245 -8.46 7.26 0.63
CA SER B 245 -8.67 5.88 1.11
C SER B 245 -9.77 5.78 2.18
N GLU B 246 -10.04 6.88 2.91
CA GLU B 246 -11.06 6.93 3.98
C GLU B 246 -12.42 7.35 3.43
N ILE B 247 -12.45 8.02 2.25
CA ILE B 247 -13.62 8.60 1.59
C ILE B 247 -14.78 7.61 1.49
N TYR B 248 -14.57 6.38 0.96
CA TYR B 248 -15.68 5.43 0.80
C TYR B 248 -16.41 5.14 2.12
N ASP B 249 -15.64 4.91 3.20
CA ASP B 249 -16.20 4.61 4.53
C ASP B 249 -16.85 5.82 5.14
N TYR B 250 -16.24 7.01 4.94
CA TYR B 250 -16.75 8.29 5.43
C TYR B 250 -18.15 8.49 4.87
N LEU B 251 -18.31 8.36 3.54
CA LEU B 251 -19.58 8.49 2.84
C LEU B 251 -20.54 7.37 3.26
N ARG B 252 -20.05 6.11 3.31
CA ARG B 252 -20.83 4.94 3.70
C ARG B 252 -21.40 5.05 5.14
N GLN B 253 -20.69 5.76 6.05
CA GLN B 253 -21.16 5.99 7.42
C GLN B 253 -22.24 7.09 7.52
N GLY B 254 -22.68 7.62 6.37
CA GLY B 254 -23.72 8.64 6.28
C GLY B 254 -23.22 10.06 6.11
N ASN B 255 -21.91 10.29 6.28
CA ASN B 255 -21.32 11.62 6.15
C ASN B 255 -21.35 12.17 4.73
N ARG B 256 -21.58 13.48 4.60
CA ARG B 256 -21.59 14.19 3.33
C ARG B 256 -20.85 15.51 3.50
N LEU B 257 -20.59 16.26 2.40
CA LEU B 257 -19.92 17.57 2.46
C LEU B 257 -20.73 18.47 3.39
N LYS B 258 -20.06 19.06 4.39
CA LYS B 258 -20.68 19.94 5.40
C LYS B 258 -21.23 21.21 4.76
N GLN B 259 -22.39 21.70 5.26
CA GLN B 259 -23.04 22.89 4.73
C GLN B 259 -22.23 24.15 5.03
N PRO B 260 -21.88 24.95 4.01
CA PRO B 260 -21.15 26.21 4.27
C PRO B 260 -22.03 27.18 5.05
N ALA B 261 -21.42 27.93 5.98
CA ALA B 261 -22.11 28.88 6.85
C ALA B 261 -22.86 29.95 6.05
N ASP B 262 -22.26 30.40 4.92
CA ASP B 262 -22.81 31.41 4.02
C ASP B 262 -23.84 30.86 3.02
N CYS B 263 -24.00 29.52 2.94
CA CYS B 263 -24.92 28.86 2.00
C CYS B 263 -26.33 28.60 2.56
N LEU B 264 -27.34 28.84 1.70
CA LEU B 264 -28.77 28.69 1.98
C LEU B 264 -29.22 27.24 2.13
N ASP B 265 -30.06 26.96 3.14
CA ASP B 265 -30.60 25.64 3.44
C ASP B 265 -31.24 24.94 2.23
N GLY B 266 -31.88 25.73 1.36
CA GLY B 266 -32.53 25.25 0.14
C GLY B 266 -31.54 24.79 -0.91
N LEU B 267 -30.48 25.58 -1.11
CA LEU B 267 -29.39 25.29 -2.04
C LEU B 267 -28.67 24.02 -1.56
N TYR B 268 -28.40 23.95 -0.24
CA TYR B 268 -27.76 22.78 0.36
C TYR B 268 -28.67 21.54 0.32
N ALA B 269 -30.01 21.72 0.28
CA ALA B 269 -30.97 20.61 0.17
C ALA B 269 -30.90 20.02 -1.24
N LEU B 270 -30.63 20.88 -2.28
CA LEU B 270 -30.47 20.46 -3.67
C LEU B 270 -29.22 19.61 -3.80
N MET B 271 -28.11 20.07 -3.16
CA MET B 271 -26.82 19.38 -3.12
C MET B 271 -26.98 18.01 -2.52
N SER B 272 -27.53 17.94 -1.29
CA SER B 272 -27.79 16.72 -0.53
C SER B 272 -28.60 15.67 -1.31
N ARG B 273 -29.57 16.11 -2.14
CA ARG B 273 -30.39 15.22 -2.95
C ARG B 273 -29.54 14.48 -4.00
N CYS B 274 -28.52 15.17 -4.57
CA CYS B 274 -27.54 14.61 -5.52
C CYS B 274 -26.68 13.54 -4.86
N TRP B 275 -26.49 13.62 -3.54
CA TRP B 275 -25.67 12.68 -2.81
C TRP B 275 -26.48 11.60 -2.08
N GLU B 276 -27.72 11.34 -2.50
CA GLU B 276 -28.56 10.29 -1.93
C GLU B 276 -27.91 8.93 -2.25
N LEU B 277 -27.82 8.02 -1.24
CA LEU B 277 -27.22 6.68 -1.34
C LEU B 277 -27.75 5.90 -2.54
N ASN B 278 -29.07 5.84 -2.68
CA ASN B 278 -29.73 5.16 -3.78
C ASN B 278 -29.75 6.11 -4.98
N PRO B 279 -29.03 5.77 -6.08
CA PRO B 279 -29.04 6.66 -7.26
C PRO B 279 -30.42 7.06 -7.79
N GLN B 280 -31.42 6.16 -7.66
CA GLN B 280 -32.78 6.42 -8.12
C GLN B 280 -33.52 7.47 -7.27
N ASP B 281 -33.00 7.79 -6.05
CA ASP B 281 -33.56 8.81 -5.17
C ASP B 281 -33.02 10.22 -5.55
N ARG B 282 -31.89 10.27 -6.28
CA ARG B 282 -31.27 11.51 -6.75
C ARG B 282 -32.12 12.14 -7.83
N PRO B 283 -32.16 13.49 -7.91
CA PRO B 283 -32.95 14.12 -8.97
C PRO B 283 -32.33 13.98 -10.36
N SER B 284 -33.09 14.27 -11.40
CA SER B 284 -32.56 14.23 -12.76
C SER B 284 -31.96 15.60 -13.05
N PHE B 285 -31.22 15.73 -14.16
CA PHE B 285 -30.64 17.01 -14.53
C PHE B 285 -31.71 18.00 -15.00
N THR B 286 -32.86 17.47 -15.46
CA THR B 286 -34.01 18.29 -15.87
C THR B 286 -34.69 18.84 -14.61
N GLU B 287 -34.81 17.99 -13.57
CA GLU B 287 -35.37 18.32 -12.25
C GLU B 287 -34.51 19.41 -11.57
N LEU B 288 -33.17 19.24 -11.56
CA LEU B 288 -32.22 20.19 -10.96
C LEU B 288 -32.29 21.54 -11.64
N ARG B 289 -32.32 21.57 -13.00
CA ARG B 289 -32.41 22.79 -13.81
C ARG B 289 -33.64 23.62 -13.40
N GLU B 290 -34.78 22.95 -13.20
CA GLU B 290 -36.04 23.55 -12.79
C GLU B 290 -35.97 24.17 -11.38
N ASP B 291 -35.49 23.41 -10.38
CA ASP B 291 -35.35 23.88 -8.99
C ASP B 291 -34.37 25.04 -8.87
N LEU B 292 -33.29 25.00 -9.69
CA LEU B 292 -32.28 26.04 -9.74
C LEU B 292 -32.85 27.29 -10.40
N GLU B 293 -33.65 27.13 -11.48
CA GLU B 293 -34.31 28.23 -12.19
C GLU B 293 -35.41 28.88 -11.33
N ASN B 294 -36.12 28.07 -10.53
CA ASN B 294 -37.17 28.51 -9.61
C ASN B 294 -36.58 29.42 -8.54
N THR B 295 -35.46 29.02 -7.92
CA THR B 295 -34.80 29.83 -6.90
C THR B 295 -34.15 31.09 -7.51
N LEU B 296 -33.75 31.01 -8.79
CA LEU B 296 -33.11 32.10 -9.53
C LEU B 296 -34.05 33.26 -9.85
N LYS B 297 -35.35 32.98 -10.14
CA LYS B 297 -36.34 34.02 -10.43
C LYS B 297 -36.75 34.76 -9.16
N ALA B 298 -36.70 34.06 -8.00
CA ALA B 298 -37.02 34.61 -6.67
C ALA B 298 -35.92 35.58 -6.20
N LEU B 299 -34.68 35.39 -6.67
CA LEU B 299 -33.51 36.23 -6.35
C LEU B 299 -33.44 37.50 -7.23
N PRO B 300 -32.74 38.59 -6.81
CA PRO B 300 -32.67 39.78 -7.67
C PRO B 300 -31.89 39.56 -9.00
N GLU C 10 8.18 -38.81 -30.80
CA GLU C 10 8.64 -39.04 -29.43
C GLU C 10 8.54 -37.77 -28.57
N LEU C 11 9.01 -36.65 -29.13
CA LEU C 11 9.11 -35.35 -28.47
C LEU C 11 7.79 -34.54 -28.41
N LYS C 12 7.24 -34.23 -29.60
CA LYS C 12 6.11 -33.33 -29.84
C LYS C 12 4.79 -33.98 -30.33
N GLU C 13 4.35 -35.08 -29.69
CA GLU C 13 3.05 -35.67 -30.01
C GLU C 13 1.98 -34.88 -29.26
N LYS C 14 2.45 -34.02 -28.33
CA LYS C 14 1.67 -33.12 -27.46
C LYS C 14 1.45 -31.79 -28.17
N LEU C 15 2.40 -31.42 -29.08
CA LEU C 15 2.32 -30.22 -29.92
C LEU C 15 1.20 -30.43 -30.94
N ARG C 16 1.08 -31.65 -31.47
CA ARG C 16 0.03 -32.03 -32.43
C ARG C 16 -1.35 -32.00 -31.76
N ASP C 17 -1.39 -32.36 -30.46
CA ASP C 17 -2.57 -32.42 -29.58
C ASP C 17 -3.14 -31.05 -29.20
N VAL C 18 -2.28 -30.05 -28.97
CA VAL C 18 -2.64 -28.69 -28.55
C VAL C 18 -2.96 -27.76 -29.73
N MET C 19 -2.39 -28.04 -30.91
CA MET C 19 -2.58 -27.21 -32.09
C MET C 19 -3.95 -27.37 -32.70
N VAL C 20 -4.47 -26.26 -33.21
CA VAL C 20 -5.77 -26.15 -33.88
C VAL C 20 -5.58 -25.45 -35.23
N ASP C 21 -6.18 -25.99 -36.30
CA ASP C 21 -6.09 -25.45 -37.66
C ASP C 21 -6.89 -24.16 -37.80
N ARG C 22 -6.24 -23.05 -38.16
CA ARG C 22 -6.82 -21.72 -38.35
C ARG C 22 -7.96 -21.69 -39.39
N HIS C 23 -7.94 -22.64 -40.38
CA HIS C 23 -8.98 -22.80 -41.42
C HIS C 23 -10.22 -23.60 -40.92
N LYS C 24 -10.19 -24.05 -39.65
CA LYS C 24 -11.25 -24.80 -38.98
C LYS C 24 -11.94 -23.94 -37.90
N VAL C 25 -11.48 -22.69 -37.74
CA VAL C 25 -11.98 -21.71 -36.76
C VAL C 25 -12.64 -20.53 -37.51
N ALA C 26 -13.90 -20.22 -37.14
CA ALA C 26 -14.66 -19.13 -37.71
C ALA C 26 -15.07 -18.14 -36.64
N LEU C 27 -14.55 -16.91 -36.73
CA LEU C 27 -14.83 -15.84 -35.78
C LEU C 27 -16.18 -15.16 -36.03
N GLY C 28 -16.89 -14.88 -34.95
CA GLY C 28 -18.17 -14.20 -34.98
C GLY C 28 -18.15 -12.87 -34.26
N LYS C 29 -19.17 -12.64 -33.41
CA LYS C 29 -19.32 -11.42 -32.61
C LYS C 29 -18.30 -11.33 -31.47
N THR C 30 -17.85 -10.09 -31.15
CA THR C 30 -16.92 -9.87 -30.05
C THR C 30 -17.66 -9.87 -28.72
N LEU C 31 -17.22 -10.73 -27.77
CA LEU C 31 -17.83 -10.88 -26.44
C LEU C 31 -17.32 -9.84 -25.44
N GLY C 32 -16.06 -9.44 -25.61
CA GLY C 32 -15.39 -8.45 -24.77
C GLY C 32 -14.11 -7.93 -25.40
N GLU C 33 -13.73 -6.72 -25.01
CA GLU C 33 -12.52 -6.05 -25.52
C GLU C 33 -11.59 -5.83 -24.35
N GLY C 34 -10.35 -6.23 -24.52
CA GLY C 34 -9.35 -6.08 -23.47
C GLY C 34 -8.16 -5.25 -23.89
N GLU C 35 -7.34 -4.88 -22.89
CA GLU C 35 -6.11 -4.11 -23.08
C GLU C 35 -5.08 -5.04 -23.74
N PHE C 36 -5.04 -6.31 -23.26
CA PHE C 36 -4.09 -7.34 -23.70
C PHE C 36 -4.61 -8.23 -24.84
N GLY C 37 -5.86 -8.02 -25.28
CA GLY C 37 -6.42 -8.81 -26.38
C GLY C 37 -7.86 -8.51 -26.78
N ALA C 38 -8.52 -9.51 -27.39
CA ALA C 38 -9.90 -9.44 -27.85
C ALA C 38 -10.49 -10.83 -27.87
N VAL C 39 -11.65 -10.99 -27.23
CA VAL C 39 -12.38 -12.25 -27.12
C VAL C 39 -13.62 -12.23 -28.02
N MET C 40 -13.78 -13.28 -28.81
CA MET C 40 -14.89 -13.41 -29.73
C MET C 40 -15.62 -14.74 -29.58
N GLU C 41 -16.87 -14.79 -30.07
CA GLU C 41 -17.70 -15.99 -30.12
C GLU C 41 -17.23 -16.69 -31.39
N GLY C 42 -17.09 -18.00 -31.34
CA GLY C 42 -16.56 -18.74 -32.49
C GLY C 42 -17.15 -20.09 -32.76
N GLN C 43 -16.86 -20.59 -33.96
CA GLN C 43 -17.29 -21.89 -34.50
C GLN C 43 -16.06 -22.70 -34.89
N LEU C 44 -15.90 -23.88 -34.27
CA LEU C 44 -14.79 -24.79 -34.52
C LEU C 44 -15.28 -26.05 -35.22
N ASN C 45 -14.69 -26.31 -36.40
CA ASN C 45 -14.98 -27.47 -37.25
C ASN C 45 -14.40 -28.72 -36.58
N GLN C 46 -15.21 -29.41 -35.80
CA GLN C 46 -14.75 -30.59 -35.10
C GLN C 46 -14.87 -31.85 -35.97
N ASP C 47 -14.14 -31.84 -37.11
CA ASP C 47 -14.01 -32.90 -38.13
C ASP C 47 -15.04 -34.02 -37.94
N ASP C 48 -16.24 -33.84 -38.52
CA ASP C 48 -17.47 -34.69 -38.47
C ASP C 48 -18.58 -33.94 -37.69
N SER C 49 -18.25 -32.80 -37.04
CA SER C 49 -19.19 -31.96 -36.26
C SER C 49 -18.74 -30.50 -36.18
N ILE C 50 -19.52 -29.66 -35.48
CA ILE C 50 -19.28 -28.22 -35.28
C ILE C 50 -19.36 -27.90 -33.77
N LEU C 51 -18.52 -26.97 -33.29
CA LEU C 51 -18.49 -26.61 -31.88
C LEU C 51 -18.49 -25.11 -31.61
N LYS C 52 -19.36 -24.66 -30.67
CA LYS C 52 -19.44 -23.26 -30.26
C LYS C 52 -18.33 -23.05 -29.24
N VAL C 53 -17.40 -22.16 -29.58
CA VAL C 53 -16.23 -21.88 -28.74
C VAL C 53 -16.08 -20.39 -28.43
N ALA C 54 -15.16 -20.06 -27.50
CA ALA C 54 -14.74 -18.71 -27.18
C ALA C 54 -13.31 -18.60 -27.73
N VAL C 55 -13.04 -17.55 -28.50
CA VAL C 55 -11.72 -17.40 -29.09
C VAL C 55 -11.08 -16.13 -28.56
N LYS C 56 -9.96 -16.29 -27.84
CA LYS C 56 -9.18 -15.18 -27.28
C LYS C 56 -7.90 -15.05 -28.08
N THR C 57 -7.80 -13.96 -28.83
CA THR C 57 -6.65 -13.61 -29.65
C THR C 57 -5.86 -12.57 -28.87
N MET C 58 -4.53 -12.70 -28.83
CA MET C 58 -3.68 -11.77 -28.11
C MET C 58 -3.34 -10.57 -28.96
N LYS C 59 -3.53 -9.35 -28.39
CA LYS C 59 -3.19 -8.07 -29.02
C LYS C 59 -1.65 -8.07 -29.17
N ILE C 60 -0.95 -8.49 -28.08
CA ILE C 60 0.51 -8.63 -28.00
C ILE C 60 0.99 -9.83 -28.84
N ALA C 61 1.86 -9.56 -29.82
CA ALA C 61 2.42 -10.58 -30.68
C ALA C 61 3.72 -11.17 -30.11
N ILE C 62 3.96 -12.47 -30.37
CA ILE C 62 5.15 -13.20 -29.94
C ILE C 62 6.36 -12.68 -30.73
N CYS C 63 7.53 -12.58 -30.10
CA CYS C 63 8.70 -12.06 -30.81
C CYS C 63 9.92 -12.99 -30.75
N THR C 64 10.28 -13.50 -29.57
CA THR C 64 11.43 -14.40 -29.46
C THR C 64 10.98 -15.86 -29.57
N ARG C 65 11.91 -16.75 -29.97
CA ARG C 65 11.70 -18.20 -30.05
C ARG C 65 11.35 -18.73 -28.65
N SER C 66 12.00 -18.18 -27.59
CA SER C 66 11.76 -18.53 -26.18
C SER C 66 10.33 -18.11 -25.75
N GLU C 67 9.79 -17.01 -26.30
CA GLU C 67 8.42 -16.56 -26.01
C GLU C 67 7.40 -17.51 -26.67
N LEU C 68 7.75 -18.00 -27.86
CA LEU C 68 6.96 -18.97 -28.62
C LEU C 68 7.04 -20.35 -27.98
N GLU C 69 8.18 -20.65 -27.36
CA GLU C 69 8.48 -21.89 -26.66
C GLU C 69 7.67 -21.94 -25.37
N ASP C 70 7.68 -20.84 -24.58
CA ASP C 70 6.98 -20.71 -23.29
C ASP C 70 5.47 -20.79 -23.43
N PHE C 71 4.89 -20.11 -24.44
CA PHE C 71 3.46 -20.11 -24.73
C PHE C 71 2.96 -21.53 -25.02
N LEU C 72 3.67 -22.24 -25.91
CA LEU C 72 3.30 -23.59 -26.30
C LEU C 72 3.46 -24.60 -25.15
N SER C 73 4.47 -24.41 -24.24
CA SER C 73 4.68 -25.24 -23.05
C SER C 73 3.50 -25.09 -22.09
N GLU C 74 3.14 -23.82 -21.74
CA GLU C 74 2.01 -23.47 -20.87
C GLU C 74 0.69 -24.02 -21.43
N ALA C 75 0.49 -23.90 -22.77
CA ALA C 75 -0.69 -24.39 -23.47
C ALA C 75 -0.87 -25.90 -23.25
N VAL C 76 0.21 -26.69 -23.41
CA VAL C 76 0.23 -28.16 -23.17
C VAL C 76 -0.15 -28.48 -21.71
N CYS C 77 0.29 -27.62 -20.76
CA CYS C 77 0.00 -27.76 -19.34
C CYS C 77 -1.46 -27.50 -19.08
N MET C 78 -2.03 -26.45 -19.71
CA MET C 78 -3.43 -26.07 -19.58
C MET C 78 -4.39 -27.05 -20.24
N LYS C 79 -3.98 -27.65 -21.38
CA LYS C 79 -4.75 -28.65 -22.14
C LYS C 79 -4.80 -29.98 -21.34
N GLU C 80 -3.87 -30.15 -20.36
CA GLU C 80 -3.84 -31.33 -19.49
C GLU C 80 -4.69 -31.16 -18.21
N PHE C 81 -5.35 -29.98 -18.01
CA PHE C 81 -6.26 -29.74 -16.88
C PHE C 81 -7.59 -30.46 -17.08
N ASP C 82 -7.90 -31.41 -16.20
CA ASP C 82 -9.16 -32.15 -16.24
C ASP C 82 -9.80 -32.18 -14.85
N HIS C 83 -10.70 -31.19 -14.61
CA HIS C 83 -11.42 -31.00 -13.36
C HIS C 83 -12.70 -30.20 -13.65
N PRO C 84 -13.84 -30.51 -13.00
CA PRO C 84 -15.08 -29.74 -13.27
C PRO C 84 -15.03 -28.25 -12.89
N ASN C 85 -14.08 -27.88 -12.01
CA ASN C 85 -13.91 -26.51 -11.52
C ASN C 85 -12.67 -25.82 -12.07
N VAL C 86 -12.18 -26.28 -13.24
CA VAL C 86 -11.02 -25.74 -13.96
C VAL C 86 -11.40 -25.69 -15.45
N MET C 87 -11.11 -24.58 -16.13
CA MET C 87 -11.39 -24.40 -17.56
C MET C 87 -10.54 -25.36 -18.39
N ARG C 88 -11.20 -26.17 -19.23
CA ARG C 88 -10.51 -27.10 -20.12
C ARG C 88 -10.21 -26.36 -21.41
N LEU C 89 -8.92 -26.11 -21.67
CA LEU C 89 -8.46 -25.46 -22.89
C LEU C 89 -8.68 -26.44 -24.08
N ILE C 90 -9.30 -25.93 -25.17
CA ILE C 90 -9.60 -26.70 -26.38
C ILE C 90 -8.34 -26.83 -27.22
N GLY C 91 -7.71 -25.69 -27.51
CA GLY C 91 -6.47 -25.67 -28.28
C GLY C 91 -5.95 -24.28 -28.57
N VAL C 92 -4.84 -24.22 -29.35
CA VAL C 92 -4.16 -23.00 -29.76
C VAL C 92 -3.90 -22.93 -31.26
N CYS C 93 -3.88 -21.67 -31.79
CA CYS C 93 -3.54 -21.26 -33.17
C CYS C 93 -2.59 -20.07 -33.06
N PHE C 94 -2.40 -19.38 -34.20
CA PHE C 94 -1.63 -18.15 -34.39
C PHE C 94 -2.20 -17.39 -35.61
N GLN C 95 -2.55 -16.09 -35.42
CA GLN C 95 -3.08 -15.23 -36.48
C GLN C 95 -1.93 -14.75 -37.37
N PRO C 103 3.72 -13.18 -35.08
CA PRO C 103 2.57 -14.08 -34.94
C PRO C 103 1.87 -13.96 -33.59
N ALA C 104 0.63 -13.42 -33.62
CA ALA C 104 -0.22 -13.20 -32.44
C ALA C 104 -0.87 -14.52 -31.99
N PRO C 105 -0.62 -14.96 -30.74
CA PRO C 105 -1.24 -16.21 -30.28
C PRO C 105 -2.76 -16.16 -30.13
N VAL C 106 -3.43 -17.26 -30.53
CA VAL C 106 -4.88 -17.46 -30.50
C VAL C 106 -5.17 -18.58 -29.49
N VAL C 107 -6.23 -18.40 -28.69
CA VAL C 107 -6.57 -19.34 -27.63
C VAL C 107 -8.04 -19.75 -27.74
N ILE C 108 -8.28 -21.05 -27.99
CA ILE C 108 -9.63 -21.62 -28.15
C ILE C 108 -10.07 -22.29 -26.85
N LEU C 109 -11.19 -21.82 -26.29
CA LEU C 109 -11.76 -22.31 -25.04
C LEU C 109 -13.23 -22.73 -25.26
N PRO C 110 -13.86 -23.52 -24.34
CA PRO C 110 -15.29 -23.84 -24.49
C PRO C 110 -16.18 -22.61 -24.29
N PHE C 111 -17.32 -22.56 -25.01
CA PHE C 111 -18.24 -21.45 -24.85
C PHE C 111 -19.10 -21.60 -23.59
N MET C 112 -18.89 -20.70 -22.61
CA MET C 112 -19.58 -20.61 -21.31
C MET C 112 -20.65 -19.53 -21.44
N LYS C 113 -21.90 -19.94 -21.74
CA LYS C 113 -23.01 -19.02 -21.96
C LYS C 113 -23.37 -18.11 -20.76
N HIS C 114 -23.08 -18.55 -19.50
CA HIS C 114 -23.41 -17.75 -18.32
C HIS C 114 -22.37 -16.65 -17.98
N GLY C 115 -21.32 -16.53 -18.81
CA GLY C 115 -20.27 -15.52 -18.67
C GLY C 115 -19.41 -15.63 -17.42
N ASP C 116 -18.69 -14.55 -17.08
CA ASP C 116 -17.80 -14.50 -15.93
C ASP C 116 -18.55 -14.29 -14.60
N LEU C 117 -17.94 -14.76 -13.51
CA LEU C 117 -18.51 -14.67 -12.16
C LEU C 117 -18.70 -13.22 -11.69
N HIS C 118 -17.70 -12.34 -11.91
CA HIS C 118 -17.80 -10.94 -11.47
C HIS C 118 -19.01 -10.22 -12.10
N SER C 119 -19.18 -10.33 -13.42
CA SER C 119 -20.31 -9.74 -14.14
C SER C 119 -21.66 -10.22 -13.58
N PHE C 120 -21.78 -11.53 -13.30
CA PHE C 120 -22.97 -12.13 -12.71
C PHE C 120 -23.31 -11.53 -11.35
N LEU C 121 -22.31 -11.47 -10.43
CA LEU C 121 -22.47 -10.88 -9.09
C LEU C 121 -22.83 -9.39 -9.20
N LEU C 122 -22.13 -8.67 -10.08
CA LEU C 122 -22.34 -7.25 -10.32
C LEU C 122 -23.74 -6.94 -10.90
N TYR C 123 -24.22 -7.74 -11.88
CA TYR C 123 -25.55 -7.55 -12.49
C TYR C 123 -26.69 -7.93 -11.53
N SER C 124 -26.43 -8.87 -10.58
CA SER C 124 -27.37 -9.32 -9.55
C SER C 124 -27.93 -8.17 -8.71
N ARG C 125 -27.11 -7.14 -8.40
CA ARG C 125 -27.55 -5.99 -7.61
C ARG C 125 -27.63 -4.67 -8.37
N LEU C 126 -26.80 -4.48 -9.41
CA LEU C 126 -26.75 -3.21 -10.15
C LEU C 126 -27.36 -3.28 -11.56
N GLY C 127 -28.12 -4.33 -11.84
CA GLY C 127 -28.78 -4.49 -13.13
C GLY C 127 -30.24 -4.06 -13.13
N ASP C 128 -30.91 -4.29 -14.28
CA ASP C 128 -32.33 -4.00 -14.50
C ASP C 128 -33.21 -5.01 -13.75
N GLN C 129 -32.73 -6.28 -13.67
CA GLN C 129 -33.34 -7.43 -13.01
C GLN C 129 -32.58 -7.70 -11.67
N PRO C 130 -32.91 -7.01 -10.55
CA PRO C 130 -32.13 -7.22 -9.31
C PRO C 130 -32.67 -8.32 -8.38
N VAL C 131 -31.88 -9.40 -8.23
CA VAL C 131 -32.20 -10.57 -7.39
C VAL C 131 -31.13 -10.74 -6.31
N TYR C 132 -31.55 -10.97 -5.05
CA TYR C 132 -30.61 -11.19 -3.96
C TYR C 132 -30.17 -12.65 -3.95
N LEU C 133 -28.85 -12.87 -4.14
CA LEU C 133 -28.21 -14.19 -4.14
C LEU C 133 -28.11 -14.66 -2.69
N PRO C 134 -28.58 -15.90 -2.39
CA PRO C 134 -28.52 -16.38 -0.99
C PRO C 134 -27.11 -16.73 -0.57
N THR C 135 -26.78 -16.54 0.72
CA THR C 135 -25.45 -16.83 1.27
C THR C 135 -24.94 -18.23 0.88
N GLN C 136 -25.82 -19.23 0.77
CA GLN C 136 -25.43 -20.59 0.41
C GLN C 136 -24.89 -20.68 -1.02
N MET C 137 -25.52 -19.94 -1.96
CA MET C 137 -25.10 -19.88 -3.36
C MET C 137 -23.71 -19.25 -3.47
N LEU C 138 -23.47 -18.17 -2.69
CA LEU C 138 -22.21 -17.44 -2.62
C LEU C 138 -21.10 -18.33 -2.04
N VAL C 139 -21.37 -19.03 -0.92
CA VAL C 139 -20.44 -19.96 -0.27
C VAL C 139 -20.14 -21.16 -1.22
N LYS C 140 -21.10 -21.57 -2.08
CA LYS C 140 -20.87 -22.66 -3.05
C LYS C 140 -19.93 -22.17 -4.14
N PHE C 141 -20.08 -20.89 -4.58
CA PHE C 141 -19.21 -20.28 -5.60
C PHE C 141 -17.75 -20.30 -5.09
N MET C 142 -17.56 -19.93 -3.79
CA MET C 142 -16.25 -19.92 -3.12
C MET C 142 -15.67 -21.32 -3.07
N ALA C 143 -16.52 -22.31 -2.72
CA ALA C 143 -16.16 -23.73 -2.60
C ALA C 143 -15.71 -24.29 -3.94
N ASP C 144 -16.39 -23.85 -5.05
CA ASP C 144 -16.10 -24.24 -6.42
C ASP C 144 -14.69 -23.77 -6.85
N ILE C 145 -14.30 -22.50 -6.48
CA ILE C 145 -12.97 -21.94 -6.77
C ILE C 145 -11.90 -22.74 -6.01
N ALA C 146 -12.09 -22.92 -4.68
CA ALA C 146 -11.13 -23.64 -3.82
C ALA C 146 -10.91 -25.07 -4.29
N SER C 147 -11.96 -25.74 -4.85
CA SER C 147 -11.83 -27.10 -5.40
C SER C 147 -10.89 -27.10 -6.61
N GLY C 148 -11.15 -26.18 -7.57
CA GLY C 148 -10.30 -26.02 -8.75
C GLY C 148 -8.89 -25.58 -8.43
N MET C 149 -8.72 -24.79 -7.38
CA MET C 149 -7.43 -24.29 -6.92
C MET C 149 -6.66 -25.36 -6.17
N GLU C 150 -7.37 -26.27 -5.47
CA GLU C 150 -6.79 -27.42 -4.78
C GLU C 150 -6.20 -28.37 -5.84
N TYR C 151 -6.94 -28.56 -6.97
CA TYR C 151 -6.55 -29.37 -8.10
C TYR C 151 -5.24 -28.81 -8.69
N LEU C 152 -5.25 -27.53 -9.11
CA LEU C 152 -4.08 -26.83 -9.68
C LEU C 152 -2.88 -26.89 -8.75
N SER C 153 -3.08 -26.70 -7.41
CA SER C 153 -2.03 -26.76 -6.39
C SER C 153 -1.34 -28.13 -6.36
N THR C 154 -2.13 -29.24 -6.42
CA THR C 154 -1.59 -30.61 -6.44
C THR C 154 -0.81 -30.86 -7.73
N LYS C 155 -1.27 -30.28 -8.86
CA LYS C 155 -0.61 -30.39 -10.17
C LYS C 155 0.60 -29.44 -10.26
N ARG C 156 0.98 -28.82 -9.11
CA ARG C 156 2.09 -27.87 -8.94
C ARG C 156 1.99 -26.64 -9.87
N PHE C 157 0.77 -26.11 -10.04
CA PHE C 157 0.50 -24.96 -10.88
C PHE C 157 0.19 -23.68 -10.08
N ILE C 158 0.77 -22.56 -10.51
CA ILE C 158 0.57 -21.26 -9.90
C ILE C 158 -0.27 -20.44 -10.88
N HIS C 159 -1.48 -20.02 -10.45
CA HIS C 159 -2.41 -19.24 -11.27
C HIS C 159 -1.86 -17.85 -11.60
N ARG C 160 -1.45 -17.10 -10.57
CA ARG C 160 -0.85 -15.75 -10.64
C ARG C 160 -1.87 -14.63 -10.96
N ASP C 161 -3.11 -14.95 -11.40
CA ASP C 161 -4.15 -13.96 -11.70
C ASP C 161 -5.53 -14.43 -11.26
N LEU C 162 -5.64 -14.90 -10.00
CA LEU C 162 -6.91 -15.39 -9.48
C LEU C 162 -7.80 -14.24 -9.06
N ALA C 163 -9.02 -14.16 -9.63
CA ALA C 163 -10.02 -13.11 -9.37
C ALA C 163 -11.39 -13.58 -9.86
N ALA C 164 -12.49 -13.02 -9.31
CA ALA C 164 -13.85 -13.35 -9.72
C ALA C 164 -14.03 -13.09 -11.23
N ARG C 165 -13.37 -12.05 -11.78
CA ARG C 165 -13.39 -11.72 -13.21
C ARG C 165 -12.78 -12.81 -14.10
N ASN C 166 -11.90 -13.67 -13.55
CA ASN C 166 -11.20 -14.75 -14.28
C ASN C 166 -11.76 -16.12 -13.91
N CYS C 167 -13.01 -16.15 -13.39
CA CYS C 167 -13.73 -17.35 -13.03
C CYS C 167 -14.97 -17.37 -13.88
N MET C 168 -15.20 -18.49 -14.58
CA MET C 168 -16.32 -18.68 -15.48
C MET C 168 -17.47 -19.50 -14.90
N LEU C 169 -18.71 -19.29 -15.40
CA LEU C 169 -19.90 -20.03 -14.95
C LEU C 169 -20.33 -21.07 -15.96
N ASN C 170 -20.29 -22.34 -15.52
CA ASN C 170 -20.70 -23.54 -16.25
C ASN C 170 -22.21 -23.50 -16.49
N GLU C 171 -22.75 -24.42 -17.34
CA GLU C 171 -24.19 -24.50 -17.62
C GLU C 171 -25.01 -24.84 -16.35
N ASN C 172 -24.38 -25.58 -15.40
CA ASN C 172 -24.89 -26.02 -14.09
C ASN C 172 -24.88 -24.88 -13.09
N MET C 173 -24.46 -23.66 -13.51
CA MET C 173 -24.29 -22.47 -12.68
C MET C 173 -23.18 -22.67 -11.63
N SER C 174 -22.30 -23.66 -11.87
CA SER C 174 -21.14 -23.95 -11.03
C SER C 174 -19.98 -23.07 -11.56
N VAL C 175 -18.96 -22.82 -10.73
CA VAL C 175 -17.84 -21.97 -11.13
C VAL C 175 -16.64 -22.81 -11.46
N CYS C 176 -15.82 -22.30 -12.38
CA CYS C 176 -14.57 -22.91 -12.76
C CYS C 176 -13.49 -21.85 -12.97
N VAL C 177 -12.33 -22.07 -12.40
CA VAL C 177 -11.20 -21.15 -12.51
C VAL C 177 -10.67 -21.15 -13.97
N ALA C 178 -10.38 -19.94 -14.50
CA ALA C 178 -9.93 -19.74 -15.89
C ALA C 178 -8.82 -18.71 -15.97
N ASP C 179 -8.38 -18.38 -17.21
CA ASP C 179 -7.30 -17.43 -17.57
C ASP C 179 -5.90 -18.03 -17.30
N PHE C 180 -5.62 -18.40 -16.04
CA PHE C 180 -4.38 -19.02 -15.55
C PHE C 180 -3.15 -18.09 -15.67
N GLY C 181 -3.41 -16.78 -15.68
CA GLY C 181 -2.39 -15.75 -15.80
C GLY C 181 -1.48 -15.93 -17.00
N LEU C 182 -2.07 -16.31 -18.16
CA LEU C 182 -1.33 -16.54 -19.41
C LEU C 182 -0.74 -15.23 -19.94
N SER C 183 -1.47 -14.11 -19.76
CA SER C 183 -1.00 -12.78 -20.15
C SER C 183 -0.03 -12.20 -19.08
N LYS C 184 0.84 -13.08 -18.54
CA LYS C 184 1.86 -12.81 -17.53
C LYS C 184 3.10 -13.72 -17.77
N PRO C 201 -5.43 -6.01 -11.53
CA PRO C 201 -4.19 -6.76 -11.29
C PRO C 201 -3.72 -6.76 -9.82
N VAL C 202 -2.96 -5.72 -9.46
CA VAL C 202 -2.29 -5.38 -8.20
C VAL C 202 -3.13 -5.66 -6.94
N LYS C 203 -4.45 -5.33 -6.95
CA LYS C 203 -5.37 -5.47 -5.79
C LYS C 203 -5.68 -6.94 -5.35
N TRP C 204 -5.20 -7.93 -6.12
CA TRP C 204 -5.39 -9.35 -5.84
C TRP C 204 -4.08 -10.02 -5.48
N ILE C 205 -2.95 -9.42 -5.90
CA ILE C 205 -1.58 -9.90 -5.71
C ILE C 205 -1.17 -9.85 -4.23
N ALA C 206 -0.54 -10.93 -3.73
CA ALA C 206 -0.07 -11.04 -2.35
C ALA C 206 0.99 -9.99 -2.06
N ILE C 207 1.08 -9.59 -0.81
CA ILE C 207 2.00 -8.55 -0.36
C ILE C 207 3.46 -8.87 -0.76
N GLU C 208 3.92 -10.15 -0.54
CA GLU C 208 5.27 -10.60 -0.88
C GLU C 208 5.52 -10.58 -2.41
N SER C 209 4.46 -10.79 -3.23
CA SER C 209 4.54 -10.79 -4.69
C SER C 209 4.67 -9.37 -5.23
N LEU C 210 4.04 -8.40 -4.56
CA LEU C 210 4.15 -6.99 -4.94
C LEU C 210 5.58 -6.52 -4.68
N ALA C 211 6.13 -6.95 -3.52
CA ALA C 211 7.45 -6.59 -3.00
C ALA C 211 8.63 -7.26 -3.66
N ASP C 212 8.66 -8.62 -3.76
CA ASP C 212 9.80 -9.34 -4.36
C ASP C 212 9.49 -10.09 -5.69
N ARG C 213 8.27 -9.93 -6.31
CA ARG C 213 7.88 -10.53 -7.60
C ARG C 213 7.97 -12.07 -7.57
N VAL C 214 7.89 -12.63 -6.35
CA VAL C 214 7.93 -14.06 -6.06
C VAL C 214 6.47 -14.54 -5.98
N TYR C 215 6.14 -15.65 -6.70
CA TYR C 215 4.80 -16.23 -6.74
C TYR C 215 4.82 -17.69 -6.32
N THR C 216 3.94 -18.05 -5.38
CA THR C 216 3.80 -19.41 -4.83
C THR C 216 2.31 -19.79 -4.81
N SER C 217 1.97 -20.97 -4.26
CA SER C 217 0.57 -21.36 -4.12
C SER C 217 -0.01 -20.59 -2.93
N LYS C 218 0.88 -20.05 -2.06
CA LYS C 218 0.50 -19.26 -0.88
C LYS C 218 0.09 -17.83 -1.27
N SER C 219 0.57 -17.36 -2.43
CA SER C 219 0.22 -16.06 -2.97
C SER C 219 -1.12 -16.20 -3.72
N ASP C 220 -1.44 -17.43 -4.19
CA ASP C 220 -2.70 -17.77 -4.86
C ASP C 220 -3.81 -17.83 -3.81
N VAL C 221 -3.43 -18.20 -2.56
CA VAL C 221 -4.32 -18.28 -1.41
C VAL C 221 -4.76 -16.85 -1.08
N TRP C 222 -3.80 -15.88 -1.06
CA TRP C 222 -4.07 -14.45 -0.83
C TRP C 222 -5.14 -14.00 -1.83
N SER C 223 -4.88 -14.19 -3.15
CA SER C 223 -5.76 -13.84 -4.26
C SER C 223 -7.16 -14.43 -4.10
N PHE C 224 -7.22 -15.65 -3.56
CA PHE C 224 -8.47 -16.36 -3.27
C PHE C 224 -9.24 -15.68 -2.10
N GLY C 225 -8.53 -15.20 -1.08
CA GLY C 225 -9.10 -14.46 0.04
C GLY C 225 -9.81 -13.22 -0.48
N VAL C 226 -9.11 -12.49 -1.39
CA VAL C 226 -9.64 -11.31 -2.09
C VAL C 226 -10.90 -11.72 -2.88
N THR C 227 -10.84 -12.85 -3.62
CA THR C 227 -11.94 -13.39 -4.44
C THR C 227 -13.18 -13.74 -3.57
N MET C 228 -12.97 -14.29 -2.37
CA MET C 228 -14.05 -14.62 -1.43
C MET C 228 -14.77 -13.33 -1.02
N TRP C 229 -13.98 -12.26 -0.71
CA TRP C 229 -14.49 -10.93 -0.34
C TRP C 229 -15.29 -10.35 -1.53
N GLU C 230 -14.79 -10.52 -2.78
CA GLU C 230 -15.46 -10.06 -4.01
C GLU C 230 -16.83 -10.70 -4.10
N ILE C 231 -16.91 -12.02 -3.81
CA ILE C 231 -18.15 -12.80 -3.83
C ILE C 231 -19.08 -12.33 -2.70
N ALA C 232 -18.56 -12.21 -1.45
CA ALA C 232 -19.30 -11.77 -0.26
C ALA C 232 -19.92 -10.37 -0.45
N THR C 233 -19.17 -9.44 -1.05
CA THR C 233 -19.61 -8.07 -1.33
C THR C 233 -20.47 -7.98 -2.61
N ARG C 234 -20.56 -9.10 -3.39
CA ARG C 234 -21.29 -9.23 -4.66
C ARG C 234 -20.74 -8.31 -5.75
N GLY C 235 -19.42 -8.35 -5.91
CA GLY C 235 -18.69 -7.65 -6.96
C GLY C 235 -18.21 -6.26 -6.65
N GLN C 236 -17.93 -5.97 -5.39
CA GLN C 236 -17.41 -4.66 -5.03
C GLN C 236 -15.92 -4.64 -5.32
N THR C 237 -15.40 -3.45 -5.59
CA THR C 237 -14.00 -3.20 -5.90
C THR C 237 -13.18 -3.33 -4.61
N PRO C 238 -12.11 -4.17 -4.61
CA PRO C 238 -11.28 -4.25 -3.41
C PRO C 238 -10.63 -2.89 -3.16
N TYR C 239 -10.47 -2.50 -1.88
CA TYR C 239 -9.86 -1.25 -1.44
C TYR C 239 -10.42 -0.01 -2.19
N PRO C 240 -11.68 0.42 -1.90
CA PRO C 240 -12.23 1.60 -2.60
C PRO C 240 -11.56 2.89 -2.16
N GLY C 241 -11.11 3.68 -3.14
CA GLY C 241 -10.42 4.94 -2.90
C GLY C 241 -8.91 4.82 -2.89
N VAL C 242 -8.41 3.57 -2.80
CA VAL C 242 -6.98 3.28 -2.82
C VAL C 242 -6.57 3.04 -4.27
N GLU C 243 -5.53 3.74 -4.73
CA GLU C 243 -4.98 3.58 -6.08
C GLU C 243 -3.98 2.44 -6.08
N ASN C 244 -3.80 1.76 -7.23
CA ASN C 244 -2.85 0.63 -7.37
C ASN C 244 -1.44 0.98 -6.92
N SER C 245 -0.99 2.21 -7.18
CA SER C 245 0.33 2.67 -6.76
C SER C 245 0.44 2.83 -5.23
N GLU C 246 -0.70 3.03 -4.53
CA GLU C 246 -0.75 3.19 -3.07
C GLU C 246 -0.93 1.86 -2.34
N ILE C 247 -1.41 0.83 -3.06
CA ILE C 247 -1.74 -0.51 -2.54
C ILE C 247 -0.63 -1.15 -1.71
N TYR C 248 0.63 -1.22 -2.20
CA TYR C 248 1.71 -1.83 -1.43
C TYR C 248 1.90 -1.20 -0.05
N ASP C 249 1.85 0.13 0.02
CA ASP C 249 2.00 0.87 1.27
C ASP C 249 0.80 0.72 2.17
N TYR C 250 -0.41 0.69 1.57
CA TYR C 250 -1.67 0.51 2.29
C TYR C 250 -1.65 -0.82 3.01
N LEU C 251 -1.27 -1.93 2.31
CA LEU C 251 -1.13 -3.27 2.87
C LEU C 251 0.00 -3.32 3.88
N ARG C 252 1.16 -2.71 3.53
CA ARG C 252 2.36 -2.63 4.39
C ARG C 252 2.10 -1.90 5.71
N GLN C 253 1.15 -0.95 5.73
CA GLN C 253 0.76 -0.24 6.95
C GLN C 253 -0.20 -1.06 7.84
N GLY C 254 -0.48 -2.30 7.44
CA GLY C 254 -1.31 -3.24 8.19
C GLY C 254 -2.73 -3.37 7.71
N ASN C 255 -3.15 -2.48 6.79
CA ASN C 255 -4.51 -2.45 6.25
C ASN C 255 -4.87 -3.65 5.41
N ARG C 256 -6.08 -4.16 5.61
CA ARG C 256 -6.66 -5.29 4.89
C ARG C 256 -8.09 -4.93 4.50
N LEU C 257 -8.72 -5.77 3.65
CA LEU C 257 -10.08 -5.54 3.22
C LEU C 257 -11.01 -5.61 4.45
N LYS C 258 -11.83 -4.56 4.66
CA LYS C 258 -12.76 -4.47 5.80
C LYS C 258 -13.89 -5.49 5.68
N GLN C 259 -14.38 -6.02 6.83
CA GLN C 259 -15.45 -7.02 6.85
C GLN C 259 -16.80 -6.44 6.43
N PRO C 260 -17.46 -7.04 5.38
CA PRO C 260 -18.80 -6.54 4.98
C PRO C 260 -19.81 -6.78 6.10
N ALA C 261 -20.73 -5.80 6.29
CA ALA C 261 -21.76 -5.83 7.33
C ALA C 261 -22.67 -7.07 7.22
N ASP C 262 -22.96 -7.50 5.97
CA ASP C 262 -23.80 -8.66 5.66
C ASP C 262 -23.04 -10.00 5.70
N CYS C 263 -21.70 -9.96 5.84
CA CYS C 263 -20.84 -11.16 5.86
C CYS C 263 -20.60 -11.74 7.25
N LEU C 264 -20.64 -13.10 7.33
CA LEU C 264 -20.45 -13.90 8.54
C LEU C 264 -19.03 -13.89 9.07
N ASP C 265 -18.88 -13.75 10.40
CA ASP C 265 -17.60 -13.71 11.10
C ASP C 265 -16.65 -14.86 10.73
N GLY C 266 -17.23 -16.05 10.51
CA GLY C 266 -16.50 -17.27 10.16
C GLY C 266 -15.94 -17.21 8.75
N LEU C 267 -16.76 -16.75 7.81
CA LEU C 267 -16.38 -16.56 6.40
C LEU C 267 -15.27 -15.50 6.31
N TYR C 268 -15.42 -14.40 7.07
CA TYR C 268 -14.41 -13.33 7.14
C TYR C 268 -13.13 -13.80 7.82
N ALA C 269 -13.22 -14.79 8.73
CA ALA C 269 -12.05 -15.35 9.40
C ALA C 269 -11.22 -16.17 8.41
N LEU C 270 -11.90 -16.85 7.46
CA LEU C 270 -11.29 -17.65 6.39
C LEU C 270 -10.53 -16.72 5.47
N MET C 271 -11.15 -15.57 5.09
CA MET C 271 -10.57 -14.52 4.23
C MET C 271 -9.28 -13.99 4.85
N SER C 272 -9.38 -13.49 6.09
CA SER C 272 -8.27 -12.93 6.87
C SER C 272 -7.06 -13.85 6.98
N ARG C 273 -7.30 -15.18 7.09
CA ARG C 273 -6.24 -16.18 7.18
C ARG C 273 -5.42 -16.22 5.90
N CYS C 274 -6.08 -16.02 4.73
CA CYS C 274 -5.46 -15.95 3.41
C CYS C 274 -4.53 -14.72 3.31
N TRP C 275 -4.81 -13.63 4.06
CA TRP C 275 -4.04 -12.38 4.02
C TRP C 275 -3.03 -12.21 5.13
N GLU C 276 -2.67 -13.34 5.79
CA GLU C 276 -1.66 -13.37 6.84
C GLU C 276 -0.31 -12.95 6.22
N LEU C 277 0.44 -12.03 6.89
CA LEU C 277 1.75 -11.52 6.44
C LEU C 277 2.71 -12.67 6.10
N ASN C 278 2.82 -13.66 7.01
CA ASN C 278 3.67 -14.82 6.82
C ASN C 278 2.91 -15.84 5.95
N PRO C 279 3.40 -16.11 4.70
CA PRO C 279 2.69 -17.07 3.84
C PRO C 279 2.43 -18.44 4.46
N GLN C 280 3.34 -18.89 5.34
CA GLN C 280 3.22 -20.20 6.01
C GLN C 280 2.07 -20.25 7.04
N ASP C 281 1.55 -19.05 7.47
CA ASP C 281 0.43 -18.94 8.40
C ASP C 281 -0.92 -19.09 7.66
N ARG C 282 -0.91 -18.87 6.31
CA ARG C 282 -2.09 -18.98 5.45
C ARG C 282 -2.52 -20.43 5.28
N PRO C 283 -3.84 -20.72 5.17
CA PRO C 283 -4.29 -22.12 4.98
C PRO C 283 -3.99 -22.67 3.58
N SER C 284 -4.13 -23.98 3.39
CA SER C 284 -3.92 -24.59 2.08
C SER C 284 -5.25 -24.57 1.34
N PHE C 285 -5.25 -24.85 0.02
CA PHE C 285 -6.50 -24.89 -0.73
C PHE C 285 -7.35 -26.10 -0.38
N THR C 286 -6.70 -27.16 0.19
CA THR C 286 -7.41 -28.35 0.66
C THR C 286 -8.13 -28.01 1.97
N GLU C 287 -7.45 -27.23 2.84
CA GLU C 287 -7.96 -26.73 4.12
C GLU C 287 -9.19 -25.83 3.89
N LEU C 288 -9.06 -24.86 2.97
CA LEU C 288 -10.12 -23.91 2.60
C LEU C 288 -11.36 -24.62 2.07
N ARG C 289 -11.17 -25.59 1.16
CA ARG C 289 -12.25 -26.40 0.56
C ARG C 289 -13.10 -27.08 1.62
N GLU C 290 -12.43 -27.65 2.65
CA GLU C 290 -13.04 -28.35 3.77
C GLU C 290 -13.89 -27.41 4.62
N ASP C 291 -13.33 -26.26 5.06
CA ASP C 291 -14.02 -25.27 5.89
C ASP C 291 -15.21 -24.67 5.16
N LEU C 292 -15.08 -24.47 3.85
CA LEU C 292 -16.13 -23.93 3.01
C LEU C 292 -17.26 -24.94 2.82
N GLU C 293 -16.90 -26.22 2.62
CA GLU C 293 -17.85 -27.33 2.48
C GLU C 293 -18.61 -27.61 3.79
N ASN C 294 -17.91 -27.49 4.93
CA ASN C 294 -18.47 -27.65 6.27
C ASN C 294 -19.54 -26.61 6.54
N THR C 295 -19.27 -25.33 6.22
CA THR C 295 -20.23 -24.26 6.43
C THR C 295 -21.40 -24.37 5.44
N LEU C 296 -21.14 -24.95 4.25
CA LEU C 296 -22.14 -25.14 3.19
C LEU C 296 -23.24 -26.16 3.53
N LYS C 297 -22.88 -27.26 4.23
CA LYS C 297 -23.83 -28.29 4.63
C LYS C 297 -24.75 -27.78 5.77
N ALA C 298 -24.22 -26.87 6.61
CA ALA C 298 -24.93 -26.25 7.72
C ALA C 298 -25.97 -25.24 7.23
N LEU C 299 -25.75 -24.64 6.05
CA LEU C 299 -26.64 -23.67 5.43
C LEU C 299 -27.81 -24.34 4.66
N PRO C 300 -28.95 -23.63 4.40
CA PRO C 300 -30.06 -24.26 3.63
C PRO C 300 -29.71 -24.57 2.17
N PRO C 301 -30.28 -25.63 1.54
CA PRO C 301 -29.91 -25.92 0.13
C PRO C 301 -30.58 -24.96 -0.89
N ALA C 302 -30.26 -25.00 -2.22
CA ALA C 302 -29.31 -25.86 -2.93
C ALA C 302 -28.57 -25.10 -4.03
N GLY D 1 3.91 -51.74 36.54
CA GLY D 1 3.65 -52.23 35.19
C GLY D 1 4.82 -53.00 34.59
N SER D 2 5.73 -52.34 33.82
CA SER D 2 5.72 -50.91 33.52
C SER D 2 6.13 -50.60 32.06
N ASN D 3 5.41 -49.72 31.27
CA ASN D 3 4.15 -48.96 31.49
C ASN D 3 3.80 -48.11 30.23
N SER D 4 2.67 -47.35 30.27
CA SER D 4 2.21 -46.51 29.14
C SER D 4 1.55 -45.17 29.54
N LEU D 5 1.26 -44.95 30.84
CA LEU D 5 0.67 -43.71 31.35
C LEU D 5 1.60 -43.04 32.35
N GLY D 6 1.74 -41.73 32.24
CA GLY D 6 2.57 -40.95 33.15
C GLY D 6 4.03 -40.89 32.77
N ILE D 7 4.88 -40.47 33.72
CA ILE D 7 6.32 -40.29 33.51
C ILE D 7 7.12 -41.34 34.29
N SER D 8 8.15 -41.96 33.63
CA SER D 8 9.06 -42.94 34.22
C SER D 8 9.88 -42.34 35.37
N GLU D 9 10.37 -43.19 36.29
CA GLU D 9 11.17 -42.74 37.42
C GLU D 9 12.54 -42.19 36.99
N GLU D 10 13.06 -42.68 35.85
CA GLU D 10 14.34 -42.27 35.26
C GLU D 10 14.29 -40.79 34.82
N LEU D 11 13.22 -40.40 34.06
CA LEU D 11 12.96 -39.03 33.57
C LEU D 11 12.69 -38.09 34.74
N LYS D 12 12.06 -38.61 35.81
CA LYS D 12 11.76 -37.86 37.02
C LYS D 12 13.07 -37.45 37.70
N GLU D 13 14.07 -38.38 37.74
CA GLU D 13 15.41 -38.15 38.31
C GLU D 13 16.22 -37.16 37.45
N LYS D 14 16.09 -37.27 36.12
CA LYS D 14 16.78 -36.41 35.16
C LYS D 14 16.35 -34.95 35.32
N LEU D 15 15.04 -34.74 35.49
CA LEU D 15 14.41 -33.44 35.63
C LEU D 15 14.27 -33.00 37.10
N ARG D 16 14.76 -33.83 38.05
CA ARG D 16 14.69 -33.63 39.50
C ARG D 16 15.23 -32.28 39.99
N ASP D 17 16.27 -31.77 39.32
CA ASP D 17 16.95 -30.51 39.68
C ASP D 17 16.34 -29.25 39.01
N VAL D 18 15.35 -29.44 38.12
CA VAL D 18 14.69 -28.34 37.41
C VAL D 18 13.17 -28.27 37.69
N MET D 19 12.69 -29.04 38.68
CA MET D 19 11.27 -29.07 39.04
C MET D 19 10.80 -27.75 39.61
N VAL D 20 9.55 -27.38 39.28
CA VAL D 20 8.88 -26.15 39.67
C VAL D 20 7.51 -26.52 40.27
N ASP D 21 7.15 -25.89 41.39
CA ASP D 21 5.89 -26.07 42.12
C ASP D 21 4.67 -25.55 41.35
N ARG D 22 3.68 -26.45 41.24
CA ARG D 22 2.37 -26.27 40.60
C ARG D 22 1.65 -24.99 41.06
N HIS D 23 1.75 -24.71 42.37
CA HIS D 23 1.13 -23.58 43.07
C HIS D 23 1.90 -22.26 42.91
N LYS D 24 3.01 -22.26 42.17
CA LYS D 24 3.85 -21.08 41.94
C LYS D 24 3.76 -20.59 40.48
N VAL D 25 2.99 -21.31 39.63
CA VAL D 25 2.82 -21.03 38.19
C VAL D 25 1.37 -20.67 37.86
N ALA D 26 1.18 -19.56 37.10
CA ALA D 26 -0.13 -19.10 36.64
C ALA D 26 -0.13 -18.88 35.13
N LEU D 27 -0.96 -19.62 34.39
CA LEU D 27 -1.09 -19.51 32.93
C LEU D 27 -2.02 -18.35 32.53
N GLY D 28 -1.63 -17.61 31.49
CA GLY D 28 -2.39 -16.48 30.99
C GLY D 28 -2.84 -16.65 29.55
N LYS D 29 -2.61 -15.61 28.73
CA LYS D 29 -2.99 -15.58 27.31
C LYS D 29 -2.09 -16.49 26.44
N THR D 30 -2.65 -17.08 25.38
CA THR D 30 -1.85 -17.90 24.47
C THR D 30 -1.08 -16.98 23.48
N LEU D 31 0.27 -17.10 23.44
CA LEU D 31 1.19 -16.30 22.58
C LEU D 31 1.33 -16.86 21.15
N GLY D 32 1.16 -18.17 21.01
CA GLY D 32 1.21 -18.87 19.74
C GLY D 32 0.89 -20.34 19.86
N GLU D 33 1.03 -21.08 18.76
CA GLU D 33 0.81 -22.54 18.73
C GLU D 33 2.16 -23.26 18.60
N GLY D 34 2.37 -24.27 19.44
CA GLY D 34 3.59 -25.06 19.47
C GLY D 34 3.45 -26.46 18.90
N GLU D 35 4.53 -27.22 18.98
CA GLU D 35 4.70 -28.60 18.53
C GLU D 35 3.65 -29.51 19.19
N PHE D 36 3.43 -29.33 20.50
CA PHE D 36 2.52 -30.15 21.32
C PHE D 36 1.27 -29.41 21.82
N GLY D 37 1.26 -28.09 21.69
CA GLY D 37 0.14 -27.29 22.14
C GLY D 37 0.48 -25.82 22.25
N ALA D 38 -0.45 -25.04 22.79
CA ALA D 38 -0.29 -23.59 22.93
C ALA D 38 0.90 -23.16 23.78
N VAL D 39 1.58 -22.12 23.32
CA VAL D 39 2.69 -21.49 24.00
C VAL D 39 2.03 -20.31 24.68
N MET D 40 1.92 -20.36 26.02
CA MET D 40 1.22 -19.32 26.76
C MET D 40 2.13 -18.36 27.49
N GLU D 41 1.60 -17.18 27.81
CA GLU D 41 2.26 -16.13 28.60
C GLU D 41 1.96 -16.56 30.04
N GLY D 42 2.94 -16.42 30.92
CA GLY D 42 2.77 -16.89 32.29
C GLY D 42 3.40 -16.05 33.37
N GLN D 43 3.01 -16.37 34.62
CA GLN D 43 3.45 -15.72 35.84
C GLN D 43 4.02 -16.77 36.81
N LEU D 44 5.30 -16.61 37.16
CA LEU D 44 6.01 -17.49 38.08
C LEU D 44 6.36 -16.77 39.36
N ASN D 45 5.92 -17.33 40.49
CA ASN D 45 6.18 -16.83 41.83
C ASN D 45 7.65 -16.98 42.25
N GLN D 46 8.34 -15.79 42.37
CA GLN D 46 9.75 -15.61 42.81
C GLN D 46 9.84 -15.42 44.34
N SER D 49 8.20 -10.37 44.10
CA SER D 49 8.19 -10.27 42.63
C SER D 49 7.56 -11.50 41.96
N ILE D 50 6.76 -11.26 40.88
CA ILE D 50 6.12 -12.27 40.02
C ILE D 50 6.79 -12.19 38.62
N LEU D 51 7.53 -13.24 38.21
CA LEU D 51 8.27 -13.29 36.96
C LEU D 51 7.40 -13.60 35.76
N LYS D 52 7.54 -12.79 34.69
CA LYS D 52 6.86 -12.98 33.42
C LYS D 52 7.65 -14.04 32.65
N VAL D 53 6.98 -15.15 32.37
CA VAL D 53 7.59 -16.29 31.70
C VAL D 53 6.77 -16.71 30.47
N ALA D 54 7.38 -17.53 29.60
CA ALA D 54 6.74 -18.14 28.43
C ALA D 54 6.60 -19.62 28.82
N VAL D 55 5.40 -20.16 28.67
CA VAL D 55 5.13 -21.51 29.10
C VAL D 55 4.61 -22.39 27.96
N LYS D 56 5.44 -23.37 27.57
CA LYS D 56 5.11 -24.34 26.53
C LYS D 56 4.16 -25.36 27.17
N THR D 57 2.94 -25.50 26.64
CA THR D 57 1.95 -26.41 27.21
C THR D 57 1.55 -27.53 26.24
N MET D 58 0.93 -28.58 26.76
CA MET D 58 0.45 -29.72 26.02
C MET D 58 -1.06 -29.59 25.74
N LYS D 59 -1.47 -29.76 24.48
CA LYS D 59 -2.87 -29.68 24.04
C LYS D 59 -3.61 -30.97 24.40
N ILE D 60 -3.00 -32.14 24.11
CA ILE D 60 -3.52 -33.48 24.34
C ILE D 60 -3.64 -33.80 25.86
N ALA D 61 -4.89 -33.99 26.31
CA ALA D 61 -5.28 -34.29 27.70
C ALA D 61 -4.97 -35.76 28.08
N ILE D 62 -5.75 -36.71 27.52
CA ILE D 62 -5.59 -38.15 27.73
C ILE D 62 -4.39 -38.55 26.87
N CYS D 63 -3.21 -38.62 27.50
CA CYS D 63 -1.96 -38.85 26.79
C CYS D 63 -1.15 -40.07 27.27
N THR D 64 -0.28 -40.54 26.36
CA THR D 64 0.66 -41.66 26.47
C THR D 64 1.89 -41.18 27.23
N ARG D 65 2.72 -42.13 27.69
CA ARG D 65 4.00 -41.88 28.36
C ARG D 65 4.98 -41.32 27.33
N SER D 66 4.96 -41.86 26.09
CA SER D 66 5.80 -41.46 24.96
C SER D 66 5.50 -40.02 24.52
N GLU D 67 4.25 -39.56 24.62
CA GLU D 67 3.84 -38.19 24.30
C GLU D 67 4.41 -37.20 25.32
N LEU D 68 4.36 -37.58 26.61
CA LEU D 68 4.91 -36.78 27.70
C LEU D 68 6.43 -36.76 27.58
N GLU D 69 7.01 -37.93 27.21
CA GLU D 69 8.45 -38.16 27.03
C GLU D 69 9.01 -37.25 25.95
N ASP D 70 8.33 -37.20 24.78
CA ASP D 70 8.69 -36.37 23.63
C ASP D 70 8.59 -34.87 23.91
N PHE D 71 7.53 -34.44 24.60
CA PHE D 71 7.31 -33.04 24.98
C PHE D 71 8.44 -32.52 25.88
N LEU D 72 8.84 -33.32 26.89
CA LEU D 72 9.89 -33.00 27.87
C LEU D 72 11.33 -33.26 27.35
N SER D 73 11.49 -33.75 26.10
CA SER D 73 12.81 -34.01 25.50
C SER D 73 13.68 -32.73 25.49
N GLU D 74 13.08 -31.60 25.06
CA GLU D 74 13.70 -30.27 25.01
C GLU D 74 14.15 -29.82 26.40
N ALA D 75 13.31 -30.07 27.42
CA ALA D 75 13.59 -29.73 28.81
C ALA D 75 14.84 -30.47 29.33
N VAL D 76 14.97 -31.79 29.06
CA VAL D 76 16.12 -32.63 29.43
C VAL D 76 17.42 -32.08 28.80
N CYS D 77 17.35 -31.56 27.56
CA CYS D 77 18.46 -30.95 26.83
C CYS D 77 18.89 -29.62 27.48
N MET D 78 17.93 -28.67 27.58
CA MET D 78 18.07 -27.29 28.04
C MET D 78 18.61 -27.06 29.45
N LYS D 79 18.50 -28.06 30.34
CA LYS D 79 19.00 -27.99 31.72
C LYS D 79 20.55 -27.93 31.76
N GLU D 80 21.22 -28.40 30.68
CA GLU D 80 22.68 -28.40 30.54
C GLU D 80 23.18 -27.18 29.75
N PHE D 81 22.29 -26.20 29.48
CA PHE D 81 22.69 -25.07 28.62
C PHE D 81 22.83 -23.75 29.33
N ASP D 82 24.06 -23.22 29.37
CA ASP D 82 24.35 -21.91 29.94
C ASP D 82 25.27 -21.12 29.03
N HIS D 83 24.67 -20.30 28.17
CA HIS D 83 25.35 -19.46 27.19
C HIS D 83 24.43 -18.28 26.82
N PRO D 84 24.96 -17.04 26.63
CA PRO D 84 24.06 -15.91 26.28
C PRO D 84 23.33 -16.05 24.93
N ASN D 85 23.84 -16.91 24.04
CA ASN D 85 23.27 -17.13 22.72
C ASN D 85 22.56 -18.49 22.58
N VAL D 86 22.12 -19.07 23.70
CA VAL D 86 21.38 -20.35 23.79
C VAL D 86 20.24 -20.14 24.79
N MET D 87 19.01 -20.60 24.46
CA MET D 87 17.85 -20.47 25.32
C MET D 87 18.00 -21.28 26.62
N ARG D 88 17.68 -20.65 27.79
CA ARG D 88 17.79 -21.23 29.14
C ARG D 88 16.48 -21.81 29.66
N LEU D 89 16.56 -22.92 30.40
CA LEU D 89 15.39 -23.55 31.03
C LEU D 89 15.14 -22.86 32.36
N ILE D 90 13.91 -22.36 32.58
CA ILE D 90 13.58 -21.83 33.91
C ILE D 90 13.24 -23.06 34.80
N GLY D 91 12.31 -23.90 34.33
CA GLY D 91 11.93 -25.11 35.03
C GLY D 91 10.80 -25.87 34.37
N VAL D 92 10.42 -27.00 34.99
CA VAL D 92 9.32 -27.86 34.52
C VAL D 92 8.33 -28.09 35.68
N CYS D 93 7.04 -27.83 35.44
CA CYS D 93 5.97 -27.94 36.43
C CYS D 93 4.98 -29.02 36.05
N PHE D 94 4.29 -29.65 37.03
CA PHE D 94 3.28 -30.69 36.77
C PHE D 94 1.84 -30.23 37.07
N ARG D 99 -0.48 -37.54 40.75
CA ARG D 99 -0.16 -37.41 39.32
C ARG D 99 0.86 -38.51 38.87
N GLU D 100 0.32 -39.68 38.47
CA GLU D 100 1.08 -40.85 37.97
C GLU D 100 0.54 -41.34 36.62
N SER D 101 -0.57 -40.74 36.19
CA SER D 101 -1.24 -41.07 34.95
C SER D 101 -1.26 -39.86 34.02
N PHE D 102 -1.68 -38.69 34.57
CA PHE D 102 -1.78 -37.44 33.82
C PHE D 102 -1.15 -36.26 34.61
N PRO D 103 0.20 -36.13 34.63
CA PRO D 103 0.82 -35.03 35.39
C PRO D 103 0.75 -33.66 34.70
N ALA D 104 0.39 -33.63 33.39
CA ALA D 104 0.29 -32.44 32.53
C ALA D 104 1.46 -31.47 32.78
N PRO D 105 2.67 -31.79 32.24
CA PRO D 105 3.82 -30.90 32.47
C PRO D 105 3.75 -29.63 31.64
N VAL D 106 4.32 -28.57 32.17
CA VAL D 106 4.39 -27.27 31.52
C VAL D 106 5.86 -26.83 31.54
N VAL D 107 6.45 -26.57 30.36
CA VAL D 107 7.86 -26.16 30.19
C VAL D 107 7.93 -24.63 30.34
N ILE D 108 8.64 -24.18 31.39
CA ILE D 108 8.77 -22.76 31.73
C ILE D 108 10.09 -22.20 31.19
N LEU D 109 9.98 -21.19 30.32
CA LEU D 109 11.09 -20.51 29.66
C LEU D 109 11.04 -19.02 29.95
N PRO D 110 12.15 -18.25 29.75
CA PRO D 110 12.08 -16.79 29.96
C PRO D 110 11.20 -16.10 28.92
N PHE D 111 10.49 -15.04 29.33
CA PHE D 111 9.67 -14.28 28.40
C PHE D 111 10.56 -13.33 27.55
N MET D 112 10.68 -13.61 26.24
CA MET D 112 11.45 -12.83 25.26
C MET D 112 10.44 -11.93 24.54
N LYS D 113 10.33 -10.67 24.99
CA LYS D 113 9.37 -9.70 24.46
C LYS D 113 9.57 -9.36 22.97
N HIS D 114 10.79 -9.48 22.43
CA HIS D 114 11.04 -9.15 21.01
C HIS D 114 10.69 -10.30 20.02
N GLY D 115 10.20 -11.42 20.54
CA GLY D 115 9.77 -12.59 19.76
C GLY D 115 10.86 -13.30 18.99
N ASP D 116 10.46 -14.11 17.98
CA ASP D 116 11.38 -14.89 17.13
C ASP D 116 12.06 -14.03 16.05
N LEU D 117 13.24 -14.45 15.62
CA LEU D 117 14.03 -13.75 14.61
C LEU D 117 13.33 -13.67 13.24
N HIS D 118 12.71 -14.78 12.75
CA HIS D 118 12.03 -14.77 11.44
C HIS D 118 10.92 -13.72 11.37
N SER D 119 10.05 -13.67 12.40
CA SER D 119 8.96 -12.69 12.49
C SER D 119 9.48 -11.27 12.43
N PHE D 120 10.57 -10.97 13.17
CA PHE D 120 11.22 -9.66 13.17
C PHE D 120 11.72 -9.27 11.79
N LEU D 121 12.47 -10.16 11.11
CA LEU D 121 12.99 -9.93 9.76
C LEU D 121 11.85 -9.75 8.76
N LEU D 122 10.80 -10.59 8.86
CA LEU D 122 9.62 -10.53 8.00
C LEU D 122 8.82 -9.22 8.17
N TYR D 123 8.64 -8.74 9.43
CA TYR D 123 7.92 -7.50 9.78
C TYR D 123 8.77 -6.22 9.63
N SER D 124 9.96 -6.33 9.04
CA SER D 124 10.86 -5.22 8.83
C SER D 124 11.19 -5.07 7.34
N ARG D 125 10.46 -5.83 6.52
CA ARG D 125 10.60 -5.88 5.07
C ARG D 125 9.21 -5.72 4.47
N LEU D 126 8.19 -6.24 5.18
CA LEU D 126 6.80 -6.28 4.76
C LEU D 126 5.84 -5.71 5.85
N GLY D 127 6.40 -5.29 6.98
CA GLY D 127 5.64 -4.83 8.14
C GLY D 127 5.32 -3.34 8.27
N ASP D 128 4.50 -3.05 9.29
CA ASP D 128 3.93 -1.77 9.73
C ASP D 128 4.95 -0.59 9.84
N GLN D 129 6.02 -0.78 10.62
CA GLN D 129 7.05 0.23 10.92
C GLN D 129 8.14 0.37 9.81
N PRO D 130 8.70 1.59 9.60
CA PRO D 130 9.72 1.75 8.55
C PRO D 130 11.17 1.46 9.02
N VAL D 131 11.33 0.61 10.08
CA VAL D 131 12.65 0.25 10.61
C VAL D 131 13.42 -0.61 9.60
N TYR D 132 14.49 -0.03 9.04
CA TYR D 132 15.38 -0.66 8.06
C TYR D 132 16.54 -1.35 8.80
N LEU D 133 17.01 -2.52 8.28
CA LEU D 133 18.09 -3.27 8.93
C LEU D 133 19.43 -3.14 8.21
N PRO D 134 20.44 -2.51 8.87
CA PRO D 134 21.76 -2.38 8.24
C PRO D 134 22.51 -3.71 8.20
N THR D 135 23.34 -3.91 7.17
CA THR D 135 24.12 -5.13 6.96
C THR D 135 24.90 -5.57 8.21
N GLN D 136 25.38 -4.61 9.02
CA GLN D 136 26.13 -4.89 10.25
C GLN D 136 25.24 -5.58 11.30
N MET D 137 23.98 -5.14 11.42
CA MET D 137 22.99 -5.71 12.35
C MET D 137 22.68 -7.16 11.94
N LEU D 138 22.52 -7.40 10.64
CA LEU D 138 22.25 -8.72 10.05
C LEU D 138 23.44 -9.67 10.28
N VAL D 139 24.68 -9.20 10.03
CA VAL D 139 25.92 -9.97 10.25
C VAL D 139 26.12 -10.26 11.75
N LYS D 140 25.65 -9.35 12.65
CA LYS D 140 25.74 -9.58 14.10
C LYS D 140 24.75 -10.66 14.51
N PHE D 141 23.54 -10.70 13.88
CA PHE D 141 22.51 -11.74 14.15
C PHE D 141 23.12 -13.11 13.82
N MET D 142 23.80 -13.21 12.65
CA MET D 142 24.46 -14.42 12.16
C MET D 142 25.56 -14.84 13.14
N ALA D 143 26.36 -13.86 13.61
CA ALA D 143 27.46 -14.06 14.57
C ALA D 143 26.94 -14.62 15.92
N ASP D 144 25.76 -14.17 16.38
CA ASP D 144 25.15 -14.66 17.62
C ASP D 144 24.75 -16.14 17.49
N ILE D 145 24.12 -16.52 16.34
CA ILE D 145 23.73 -17.91 16.09
C ILE D 145 24.98 -18.79 16.13
N ALA D 146 26.03 -18.43 15.35
CA ALA D 146 27.27 -19.20 15.29
C ALA D 146 27.95 -19.34 16.65
N SER D 147 27.85 -18.32 17.53
CA SER D 147 28.40 -18.39 18.90
C SER D 147 27.66 -19.46 19.71
N GLY D 148 26.31 -19.39 19.70
CA GLY D 148 25.43 -20.33 20.37
C GLY D 148 25.59 -21.75 19.87
N MET D 149 25.83 -21.90 18.55
CA MET D 149 26.03 -23.17 17.85
C MET D 149 27.42 -23.74 18.10
N GLU D 150 28.44 -22.88 18.29
CA GLU D 150 29.81 -23.26 18.64
C GLU D 150 29.78 -23.89 20.04
N TYR D 151 28.99 -23.29 20.96
CA TYR D 151 28.78 -23.76 22.33
C TYR D 151 28.17 -25.17 22.29
N LEU D 152 26.99 -25.32 21.65
CA LEU D 152 26.29 -26.60 21.50
C LEU D 152 27.17 -27.68 20.87
N SER D 153 27.96 -27.32 19.82
CA SER D 153 28.90 -28.23 19.14
C SER D 153 29.95 -28.78 20.11
N THR D 154 30.56 -27.91 20.98
CA THR D 154 31.55 -28.35 21.98
C THR D 154 30.92 -29.27 23.02
N LYS D 155 29.64 -28.99 23.40
CA LYS D 155 28.88 -29.81 24.36
C LYS D 155 28.37 -31.11 23.69
N ARG D 156 28.80 -31.38 22.43
CA ARG D 156 28.44 -32.54 21.60
C ARG D 156 26.91 -32.65 21.37
N PHE D 157 26.26 -31.51 21.11
CA PHE D 157 24.82 -31.44 20.86
C PHE D 157 24.47 -31.15 19.40
N ILE D 158 23.48 -31.89 18.88
CA ILE D 158 22.99 -31.73 17.51
C ILE D 158 21.62 -31.08 17.59
N HIS D 159 21.48 -29.89 17.02
CA HIS D 159 20.22 -29.13 17.04
C HIS D 159 19.12 -29.83 16.23
N ARG D 160 19.41 -30.13 14.94
CA ARG D 160 18.57 -30.84 13.97
C ARG D 160 17.37 -30.01 13.44
N ASP D 161 17.09 -28.84 14.04
CA ASP D 161 16.02 -27.94 13.57
C ASP D 161 16.46 -26.46 13.63
N LEU D 162 17.66 -26.16 13.09
CA LEU D 162 18.18 -24.80 13.08
C LEU D 162 17.55 -24.01 11.92
N ALA D 163 16.88 -22.89 12.27
CA ALA D 163 16.19 -21.97 11.35
C ALA D 163 15.94 -20.63 12.08
N ALA D 164 15.80 -19.54 11.32
CA ALA D 164 15.52 -18.21 11.88
C ALA D 164 14.27 -18.22 12.78
N ARG D 165 13.26 -19.05 12.43
CA ARG D 165 12.01 -19.22 13.18
C ARG D 165 12.23 -19.81 14.58
N ASN D 166 13.33 -20.55 14.78
CA ASN D 166 13.68 -21.22 16.04
C ASN D 166 14.80 -20.49 16.81
N CYS D 167 15.01 -19.20 16.48
CA CYS D 167 15.98 -18.30 17.09
C CYS D 167 15.21 -17.15 17.72
N MET D 168 15.50 -16.82 19.00
CA MET D 168 14.80 -15.77 19.75
C MET D 168 15.60 -14.47 19.91
N LEU D 169 14.92 -13.34 20.21
CA LEU D 169 15.57 -12.04 20.42
C LEU D 169 15.45 -11.56 21.87
N ASN D 170 16.58 -11.43 22.59
CA ASN D 170 16.50 -10.94 23.98
C ASN D 170 16.34 -9.41 24.01
N GLU D 171 16.21 -8.80 25.22
CA GLU D 171 16.00 -7.36 25.37
C GLU D 171 17.04 -6.45 24.66
N ASN D 172 18.34 -6.84 24.67
CA ASN D 172 19.42 -6.10 24.02
C ASN D 172 19.59 -6.47 22.53
N MET D 173 18.53 -7.08 21.93
CA MET D 173 18.43 -7.53 20.54
C MET D 173 19.57 -8.48 20.10
N SER D 174 20.00 -9.33 21.05
CA SER D 174 21.00 -10.36 20.88
C SER D 174 20.21 -11.65 20.62
N VAL D 175 20.59 -12.37 19.55
CA VAL D 175 19.89 -13.59 19.17
C VAL D 175 20.39 -14.77 20.00
N CYS D 176 19.50 -15.71 20.27
CA CYS D 176 19.81 -16.94 20.98
C CYS D 176 19.08 -18.10 20.34
N VAL D 177 19.82 -19.19 20.07
CA VAL D 177 19.29 -20.39 19.46
C VAL D 177 18.32 -21.09 20.47
N ALA D 178 17.16 -21.54 19.96
CA ALA D 178 16.12 -22.18 20.77
C ALA D 178 15.49 -23.38 20.02
N ASP D 179 14.37 -23.96 20.55
CA ASP D 179 13.63 -25.13 20.02
C ASP D 179 14.49 -26.41 19.96
N PHE D 180 14.60 -27.13 21.10
CA PHE D 180 15.43 -28.34 21.20
C PHE D 180 14.59 -29.65 21.22
N GLY D 181 13.40 -29.57 20.61
CA GLY D 181 12.46 -30.68 20.48
C GLY D 181 12.97 -31.79 19.58
N LEU D 182 13.89 -31.44 18.66
CA LEU D 182 14.53 -32.36 17.69
C LEU D 182 16.01 -32.61 18.02
N SER D 183 16.52 -31.96 19.08
CA SER D 183 17.91 -32.03 19.53
C SER D 183 18.29 -33.33 20.20
N LYS D 184 19.48 -33.81 19.87
CA LYS D 184 20.06 -35.07 20.38
C LYS D 184 21.51 -34.87 20.85
N LYS D 185 21.86 -35.50 22.01
CA LYS D 185 23.21 -35.52 22.59
C LYS D 185 23.97 -36.65 21.86
N ILE D 186 25.12 -36.32 21.25
CA ILE D 186 25.93 -37.26 20.47
C ILE D 186 27.23 -37.69 21.19
N TYR D 187 27.76 -38.87 20.82
CA TYR D 187 28.99 -39.41 21.41
C TYR D 187 30.02 -39.86 20.39
N ASN D 188 29.60 -40.67 19.40
CA ASN D 188 30.49 -41.17 18.35
C ASN D 188 30.57 -40.17 17.17
N GLY D 189 29.57 -40.20 16.30
CA GLY D 189 29.52 -39.31 15.14
C GLY D 189 28.11 -39.18 14.60
N ASP D 190 27.69 -40.17 13.78
CA ASP D 190 26.38 -40.27 13.13
C ASP D 190 25.25 -40.31 14.14
N TYR D 191 24.11 -39.72 13.79
CA TYR D 191 22.85 -39.86 14.52
C TYR D 191 21.84 -40.25 13.45
N TYR D 192 21.31 -41.47 13.53
CA TYR D 192 20.35 -41.98 12.57
C TYR D 192 18.94 -41.93 13.17
N ARG D 193 18.05 -41.14 12.52
CA ARG D 193 16.69 -40.88 12.94
C ARG D 193 15.73 -42.06 12.66
N ILE D 197 10.18 -42.41 12.49
CA ILE D 197 9.36 -41.72 11.49
C ILE D 197 8.76 -40.40 12.05
N ALA D 198 9.35 -39.26 11.62
CA ALA D 198 8.92 -37.90 11.98
C ALA D 198 9.31 -36.89 10.89
N LYS D 199 8.35 -36.02 10.52
CA LYS D 199 8.46 -34.97 9.51
C LYS D 199 9.61 -33.99 9.82
N MET D 200 10.41 -33.67 8.79
CA MET D 200 11.55 -32.77 8.91
C MET D 200 11.41 -31.55 7.96
N PRO D 201 12.02 -30.37 8.29
CA PRO D 201 11.93 -29.22 7.36
C PRO D 201 12.93 -29.43 6.21
N VAL D 202 12.49 -30.14 5.16
CA VAL D 202 13.33 -30.59 4.03
C VAL D 202 14.28 -29.47 3.52
N LYS D 203 13.79 -28.22 3.41
CA LYS D 203 14.54 -27.08 2.88
C LYS D 203 15.70 -26.53 3.77
N TRP D 204 15.84 -27.03 5.02
CA TRP D 204 16.92 -26.65 5.93
C TRP D 204 17.89 -27.80 6.15
N ILE D 205 17.40 -29.03 5.92
CA ILE D 205 18.11 -30.30 6.11
C ILE D 205 19.26 -30.46 5.12
N ALA D 206 20.44 -30.87 5.63
CA ALA D 206 21.64 -31.12 4.82
C ALA D 206 21.39 -32.23 3.81
N ILE D 207 22.10 -32.17 2.70
CA ILE D 207 21.97 -33.12 1.61
C ILE D 207 22.14 -34.59 2.11
N GLU D 208 23.15 -34.87 2.96
CA GLU D 208 23.40 -36.20 3.52
C GLU D 208 22.29 -36.67 4.46
N SER D 209 21.60 -35.72 5.14
CA SER D 209 20.50 -35.99 6.06
C SER D 209 19.22 -36.35 5.30
N LEU D 210 19.04 -35.77 4.09
CA LEU D 210 17.91 -36.10 3.19
C LEU D 210 18.11 -37.52 2.65
N ALA D 211 19.36 -37.85 2.27
CA ALA D 211 19.77 -39.10 1.68
C ALA D 211 19.86 -40.26 2.67
N ASP D 212 20.45 -40.06 3.85
CA ASP D 212 20.69 -41.16 4.78
C ASP D 212 20.05 -41.04 6.14
N ARG D 213 19.36 -39.92 6.43
CA ARG D 213 18.71 -39.65 7.73
C ARG D 213 19.74 -39.57 8.89
N VAL D 214 21.00 -39.30 8.53
CA VAL D 214 22.15 -39.17 9.42
C VAL D 214 22.32 -37.67 9.74
N TYR D 215 22.48 -37.33 11.03
CA TYR D 215 22.62 -35.95 11.51
C TYR D 215 23.89 -35.79 12.34
N THR D 216 24.69 -34.77 12.02
CA THR D 216 25.94 -34.43 12.69
C THR D 216 25.97 -32.92 12.97
N SER D 217 27.12 -32.39 13.47
CA SER D 217 27.26 -30.95 13.69
C SER D 217 27.51 -30.28 12.34
N LYS D 218 27.91 -31.09 11.33
CA LYS D 218 28.19 -30.63 9.98
C LYS D 218 26.90 -30.44 9.19
N SER D 219 25.83 -31.11 9.62
CA SER D 219 24.50 -30.96 9.02
C SER D 219 23.82 -29.73 9.63
N ASP D 220 24.22 -29.37 10.86
CA ASP D 220 23.76 -28.17 11.57
C ASP D 220 24.37 -26.95 10.86
N VAL D 221 25.63 -27.09 10.36
CA VAL D 221 26.38 -26.06 9.63
C VAL D 221 25.58 -25.73 8.36
N TRP D 222 25.09 -26.77 7.66
CA TRP D 222 24.25 -26.62 6.46
C TRP D 222 23.04 -25.77 6.81
N SER D 223 22.28 -26.17 7.85
CA SER D 223 21.07 -25.49 8.31
C SER D 223 21.35 -24.04 8.70
N PHE D 224 22.56 -23.76 9.25
CA PHE D 224 23.04 -22.42 9.62
C PHE D 224 23.27 -21.60 8.35
N GLY D 225 23.73 -22.26 7.29
CA GLY D 225 23.92 -21.65 5.97
C GLY D 225 22.60 -21.18 5.40
N VAL D 226 21.55 -22.00 5.55
CA VAL D 226 20.18 -21.71 5.09
C VAL D 226 19.62 -20.56 5.94
N THR D 227 20.00 -20.52 7.25
CA THR D 227 19.62 -19.48 8.21
C THR D 227 20.22 -18.13 7.84
N MET D 228 21.55 -18.11 7.51
CA MET D 228 22.30 -16.92 7.09
C MET D 228 21.58 -16.28 5.90
N TRP D 229 21.18 -17.13 4.91
CA TRP D 229 20.42 -16.76 3.71
C TRP D 229 19.06 -16.20 4.13
N GLU D 230 18.41 -16.81 5.14
CA GLU D 230 17.12 -16.33 5.66
C GLU D 230 17.26 -14.90 6.20
N ILE D 231 18.36 -14.64 6.92
CA ILE D 231 18.70 -13.33 7.50
C ILE D 231 19.02 -12.33 6.35
N ALA D 232 19.88 -12.73 5.40
CA ALA D 232 20.27 -11.91 4.26
C ALA D 232 19.07 -11.49 3.38
N THR D 233 18.13 -12.41 3.14
CA THR D 233 16.91 -12.16 2.36
C THR D 233 15.80 -11.49 3.19
N ARG D 234 16.02 -11.38 4.51
CA ARG D 234 15.10 -10.80 5.50
C ARG D 234 13.79 -11.60 5.61
N GLY D 235 13.90 -12.93 5.73
CA GLY D 235 12.77 -13.84 5.92
C GLY D 235 12.11 -14.45 4.69
N GLN D 236 12.88 -14.66 3.62
CA GLN D 236 12.33 -15.26 2.41
C GLN D 236 12.34 -16.80 2.50
N THR D 237 11.48 -17.46 1.68
CA THR D 237 11.32 -18.91 1.56
C THR D 237 12.47 -19.51 0.75
N PRO D 238 13.18 -20.52 1.33
CA PRO D 238 14.28 -21.14 0.57
C PRO D 238 13.74 -21.89 -0.64
N TYR D 239 14.50 -21.87 -1.75
CA TYR D 239 14.20 -22.54 -3.02
C TYR D 239 12.73 -22.30 -3.51
N PRO D 240 12.36 -21.09 -3.96
CA PRO D 240 10.98 -20.89 -4.43
C PRO D 240 10.75 -21.59 -5.78
N GLY D 241 9.66 -22.34 -5.88
CA GLY D 241 9.34 -23.09 -7.08
C GLY D 241 9.83 -24.53 -7.07
N VAL D 242 10.77 -24.85 -6.15
CA VAL D 242 11.29 -26.20 -6.00
C VAL D 242 10.44 -26.90 -4.95
N GLU D 243 9.91 -28.09 -5.29
CA GLU D 243 9.09 -28.90 -4.39
C GLU D 243 9.99 -29.75 -3.52
N ASN D 244 9.55 -30.07 -2.29
CA ASN D 244 10.32 -30.87 -1.32
C ASN D 244 10.82 -32.20 -1.90
N SER D 245 10.00 -32.84 -2.74
CA SER D 245 10.34 -34.09 -3.42
C SER D 245 11.44 -33.89 -4.48
N GLU D 246 11.58 -32.68 -5.03
CA GLU D 246 12.59 -32.35 -6.05
C GLU D 246 13.90 -31.87 -5.42
N ILE D 247 13.86 -31.39 -4.16
CA ILE D 247 14.96 -30.81 -3.40
C ILE D 247 16.23 -31.67 -3.44
N TYR D 248 16.16 -32.98 -3.11
CA TYR D 248 17.35 -33.82 -3.10
C TYR D 248 18.11 -33.83 -4.43
N ASP D 249 17.37 -33.96 -5.54
CA ASP D 249 17.94 -33.98 -6.89
C ASP D 249 18.46 -32.63 -7.30
N TYR D 250 17.73 -31.55 -6.91
CA TYR D 250 18.09 -30.16 -7.19
C TYR D 250 19.46 -29.90 -6.60
N LEU D 251 19.64 -30.22 -5.30
CA LEU D 251 20.89 -30.07 -4.57
C LEU D 251 21.97 -31.00 -5.16
N ARG D 252 21.61 -32.29 -5.40
CA ARG D 252 22.51 -33.29 -5.98
C ARG D 252 23.05 -32.90 -7.37
N GLN D 253 22.28 -32.12 -8.16
CA GLN D 253 22.70 -31.65 -9.47
C GLN D 253 23.67 -30.43 -9.37
N GLY D 254 24.04 -30.05 -8.15
CA GLY D 254 24.96 -28.95 -7.88
C GLY D 254 24.32 -27.63 -7.49
N ASN D 255 23.00 -27.51 -7.64
CA ASN D 255 22.26 -26.29 -7.32
C ASN D 255 22.23 -25.95 -5.83
N ARG D 256 22.31 -24.66 -5.51
CA ARG D 256 22.24 -24.16 -4.14
C ARG D 256 21.38 -22.93 -4.10
N LEU D 257 21.03 -22.40 -2.90
CA LEU D 257 20.22 -21.17 -2.75
C LEU D 257 20.90 -20.06 -3.51
N LYS D 258 20.16 -19.39 -4.44
CA LYS D 258 20.68 -18.31 -5.28
C LYS D 258 21.07 -17.10 -4.44
N GLN D 259 22.17 -16.41 -4.84
CA GLN D 259 22.67 -15.25 -4.12
C GLN D 259 21.73 -14.06 -4.23
N PRO D 260 21.29 -13.48 -3.10
CA PRO D 260 20.43 -12.29 -3.17
C PRO D 260 21.18 -11.11 -3.77
N ALA D 261 20.49 -10.29 -4.59
CA ALA D 261 21.07 -9.12 -5.27
C ALA D 261 21.66 -8.11 -4.28
N ASP D 262 21.01 -7.95 -3.12
CA ASP D 262 21.43 -7.03 -2.06
C ASP D 262 22.52 -7.61 -1.13
N CYS D 263 22.86 -8.91 -1.27
CA CYS D 263 23.84 -9.61 -0.44
C CYS D 263 25.26 -9.62 -1.00
N LEU D 264 26.25 -9.41 -0.11
CA LEU D 264 27.68 -9.33 -0.39
C LEU D 264 28.30 -10.68 -0.77
N ASP D 265 29.16 -10.67 -1.79
CA ASP D 265 29.87 -11.86 -2.31
C ASP D 265 30.58 -12.66 -1.22
N GLY D 266 31.13 -11.96 -0.23
CA GLY D 266 31.84 -12.56 0.90
C GLY D 266 30.93 -13.30 1.85
N LEU D 267 29.79 -12.68 2.18
CA LEU D 267 28.74 -13.26 3.03
C LEU D 267 28.16 -14.50 2.33
N TYR D 268 27.91 -14.40 1.01
CA TYR D 268 27.41 -15.51 0.22
C TYR D 268 28.46 -16.63 0.08
N ALA D 269 29.76 -16.30 0.16
CA ALA D 269 30.83 -17.29 0.11
C ALA D 269 30.86 -18.12 1.39
N LEU D 270 30.51 -17.48 2.56
CA LEU D 270 30.41 -18.12 3.87
C LEU D 270 29.25 -19.12 3.84
N MET D 271 28.09 -18.70 3.26
CA MET D 271 26.89 -19.51 3.10
C MET D 271 27.21 -20.75 2.29
N SER D 272 27.75 -20.55 1.07
CA SER D 272 28.14 -21.61 0.12
C SER D 272 29.06 -22.66 0.72
N ARG D 273 29.99 -22.25 1.62
CA ARG D 273 30.91 -23.17 2.29
C ARG D 273 30.16 -24.16 3.18
N CYS D 274 29.07 -23.68 3.86
CA CYS D 274 28.19 -24.47 4.71
C CYS D 274 27.44 -25.53 3.93
N TRP D 275 27.22 -25.27 2.62
CA TRP D 275 26.50 -26.17 1.74
C TRP D 275 27.41 -27.02 0.85
N GLU D 276 28.68 -27.20 1.22
CA GLU D 276 29.61 -28.06 0.47
C GLU D 276 29.12 -29.52 0.58
N LEU D 277 29.13 -30.25 -0.57
CA LEU D 277 28.67 -31.65 -0.69
C LEU D 277 29.29 -32.56 0.38
N ASN D 278 30.60 -32.49 0.52
CA ASN D 278 31.34 -33.27 1.51
C ASN D 278 31.26 -32.52 2.83
N PRO D 279 30.62 -33.10 3.86
CA PRO D 279 30.53 -32.41 5.17
C PRO D 279 31.87 -31.95 5.75
N GLN D 280 32.97 -32.69 5.49
CA GLN D 280 34.30 -32.37 5.98
C GLN D 280 34.91 -31.13 5.30
N ASP D 281 34.34 -30.69 4.16
CA ASP D 281 34.76 -29.47 3.44
C ASP D 281 34.09 -28.20 4.03
N ARG D 282 32.97 -28.40 4.78
CA ARG D 282 32.22 -27.32 5.43
C ARG D 282 33.02 -26.79 6.60
N PRO D 283 32.92 -25.48 6.91
CA PRO D 283 33.64 -24.93 8.06
C PRO D 283 33.03 -25.36 9.41
N SER D 284 33.77 -25.15 10.50
CA SER D 284 33.25 -25.47 11.82
C SER D 284 32.49 -24.25 12.33
N PHE D 285 31.74 -24.39 13.43
CA PHE D 285 31.03 -23.25 14.02
C PHE D 285 31.99 -22.26 14.66
N THR D 286 33.21 -22.71 15.02
CA THR D 286 34.25 -21.85 15.58
C THR D 286 34.85 -21.03 14.44
N GLU D 287 35.05 -21.68 13.27
CA GLU D 287 35.57 -21.07 12.04
C GLU D 287 34.59 -19.99 11.53
N LEU D 288 33.28 -20.31 11.48
CA LEU D 288 32.21 -19.39 11.05
C LEU D 288 32.14 -18.17 11.94
N ARG D 289 32.20 -18.36 13.28
CA ARG D 289 32.15 -17.28 14.27
C ARG D 289 33.27 -16.26 14.03
N GLU D 290 34.48 -16.76 13.71
CA GLU D 290 35.66 -15.95 13.41
C GLU D 290 35.51 -15.13 12.13
N ASP D 291 35.09 -15.76 11.02
CA ASP D 291 34.89 -15.11 9.72
C ASP D 291 33.78 -14.07 9.79
N LEU D 292 32.73 -14.35 10.58
CA LEU D 292 31.60 -13.45 10.80
C LEU D 292 32.04 -12.26 11.65
N GLU D 293 32.86 -12.50 12.68
CA GLU D 293 33.39 -11.45 13.56
C GLU D 293 34.40 -10.55 12.81
N ASN D 294 35.20 -11.15 11.90
CA ASN D 294 36.18 -10.45 11.06
C ASN D 294 35.47 -9.46 10.14
N THR D 295 34.39 -9.89 9.47
CA THR D 295 33.63 -9.02 8.56
C THR D 295 32.87 -7.95 9.36
N LEU D 296 32.47 -8.27 10.61
CA LEU D 296 31.74 -7.38 11.51
C LEU D 296 32.55 -6.17 12.00
N LYS D 297 33.86 -6.36 12.26
CA LYS D 297 34.73 -5.27 12.71
C LYS D 297 35.05 -4.29 11.57
N ALA D 298 35.07 -4.81 10.31
CA ALA D 298 35.31 -4.05 9.09
C ALA D 298 34.12 -3.15 8.75
N LEU D 299 32.91 -3.54 9.19
CA LEU D 299 31.65 -2.80 8.98
C LEU D 299 31.45 -1.69 10.04
N PRO D 300 30.63 -0.63 9.78
CA PRO D 300 30.45 0.42 10.81
C PRO D 300 29.71 -0.05 12.08
#